data_5GT3
#
_entry.id   5GT3
#
_cell.length_a   106.887
_cell.length_b   110.078
_cell.length_c   182.811
_cell.angle_alpha   90.00
_cell.angle_beta   90.00
_cell.angle_gamma   90.00
#
_symmetry.space_group_name_H-M   'P 21 21 21'
#
loop_
_entity.id
_entity.type
_entity.pdbx_description
1 polymer 'Histone H3.1'
2 polymer 'Histone H4'
3 polymer 'Histone H2A type 1-D'
4 polymer 'Histone H2B type 1-A'
5 polymer 'DNA (146-MER)'
6 non-polymer 'MANGANESE (II) ION'
7 non-polymer 'CHLORIDE ION'
8 water water
#
loop_
_entity_poly.entity_id
_entity_poly.type
_entity_poly.pdbx_seq_one_letter_code
_entity_poly.pdbx_strand_id
1 'polypeptide(L)'
;ARTKQTARKSTGGKAPRKQLATKAARKSAPATGGVKKPHRYRPGTVALREIRRYQKSTELLIRKLPFQRLVREIAQDFKT
DLRFQSSAVMALQEACEAYLVGLFEDTNLCAIHAKRVTIMPKDIQLARRIRGERA
;
A,E
2 'polypeptide(L)'
;SGRGKGGKGLGKGGAKRHRKVLRDNIQGITKPAIRRLARRGGVKRISGLIYEETRGVLKVFLENVIRDAVTYTEHAKRKT
VTAMDVVYALKRQGRTLYGFGG
;
B,F
3 'polypeptide(L)'
;SGRGKQGGKARAKAKTRSSRAGLQFPVGRVHRLLRKGNYSERVGAGAPVYLAAVLEYLTAEILELAGNAARDNKKTRIIP
RHLQLAIRNDEELNKLLGKVTIAQGGVLPNIQAVLLPKKTESHHKAKGK
;
C,G
4 'polypeptide(L)'
;PEVSSKGATISKKGFKKAVVKTQKKEGKKRKRTRKESYSIYIYKVLKQVHPDTGISSKAMSIMNSFVTDIFERIASEASR
LAHYSKRSTISSREIQTAVRLLLPGELAKHAVSEGTKAVTKYTSSK
;
D,H
5 'polydeoxyribonucleotide'
;(DA)(DT)(DC)(DA)(DA)(DT)(DA)(DT)(DC)(DC)(DA)(DC)(DC)(DT)(DG)(DC)(DA)(DG)(DA)(DT)
(DT)(DC)(DT)(DA)(DC)(DC)(DA)(DA)(DA)(DA)(DG)(DT)(DG)(DT)(DA)(DT)(DT)(DT)(DG)(DG)
(DA)(DA)(DA)(DC)(DT)(DG)(DC)(DT)(DC)(DC)(DA)(DT)(DC)(DA)(DA)(DA)(DA)(DG)(DG)(DC)
(DA)(DT)(DG)(DT)(DT)(DC)(DA)(DG)(DC)(DT)(DG)(DA)(DA)(DT)(DT)(DC)(DA)(DG)(DC)(DT)
(DG)(DA)(DA)(DC)(DA)(DT)(DG)(DC)(DC)(DT)(DT)(DT)(DT)(DG)(DA)(DT)(DG)(DG)(DA)(DG)
(DC)(DA)(DG)(DT)(DT)(DT)(DC)(DC)(DA)(DA)(DA)(DT)(DA)(DC)(DA)(DC)(DT)(DT)(DT)(DT)
(DG)(DG)(DT)(DA)(DG)(DA)(DA)(DT)(DC)(DT)(DG)(DC)(DA)(DG)(DG)(DT)(DG)(DG)(DA)(DT)
(DA)(DT)(DT)(DG)(DA)(DT)
;
I,J
#
loop_
_chem_comp.id
_chem_comp.type
_chem_comp.name
_chem_comp.formula
CL non-polymer 'CHLORIDE ION' 'Cl -1'
DA DNA linking 2'-DEOXYADENOSINE-5'-MONOPHOSPHATE 'C10 H14 N5 O6 P'
DC DNA linking 2'-DEOXYCYTIDINE-5'-MONOPHOSPHATE 'C9 H14 N3 O7 P'
DG DNA linking 2'-DEOXYGUANOSINE-5'-MONOPHOSPHATE 'C10 H14 N5 O7 P'
DT DNA linking THYMIDINE-5'-MONOPHOSPHATE 'C10 H15 N2 O8 P'
MN non-polymer 'MANGANESE (II) ION' 'Mn 2'
#
# COMPACT_ATOMS: atom_id res chain seq x y z
N PRO A 38 -7.63 55.71 7.34
CA PRO A 38 -7.84 54.47 6.58
C PRO A 38 -6.86 53.37 7.04
N HIS A 39 -7.27 52.11 6.97
CA HIS A 39 -6.45 51.04 7.53
C HIS A 39 -6.35 49.75 6.71
N ARG A 40 -5.17 49.13 6.74
CA ARG A 40 -4.96 47.86 6.04
C ARG A 40 -3.76 47.07 6.59
N TYR A 41 -3.95 45.75 6.66
CA TYR A 41 -2.94 44.82 7.15
C TYR A 41 -1.88 44.55 6.09
N ARG A 42 -0.65 44.35 6.53
CA ARG A 42 0.49 44.14 5.64
C ARG A 42 0.39 42.75 5.02
N PRO A 43 0.89 42.57 3.77
CA PRO A 43 0.69 41.27 3.10
C PRO A 43 1.31 40.13 3.87
N GLY A 44 0.53 39.08 4.10
CA GLY A 44 0.98 37.89 4.80
C GLY A 44 0.22 37.68 6.09
N THR A 45 -0.36 38.77 6.58
CA THR A 45 -0.99 38.79 7.88
C THR A 45 -2.36 38.15 7.86
N VAL A 46 -3.18 38.51 6.89
CA VAL A 46 -4.48 37.88 6.79
C VAL A 46 -4.28 36.41 6.42
N ALA A 47 -3.26 36.15 5.59
CA ALA A 47 -2.94 34.77 5.21
C ALA A 47 -2.71 33.92 6.45
N LEU A 48 -1.93 34.43 7.41
CA LEU A 48 -1.74 33.68 8.65
C LEU A 48 -3.05 33.55 9.44
N ARG A 49 -3.91 34.56 9.44
CA ARG A 49 -5.17 34.46 10.18
C ARG A 49 -6.02 33.36 9.58
N GLU A 50 -6.00 33.26 8.26
CA GLU A 50 -6.83 32.26 7.60
C GLU A 50 -6.30 30.85 7.91
N ILE A 51 -4.98 30.70 7.95
CA ILE A 51 -4.37 29.42 8.29
C ILE A 51 -4.84 28.94 9.66
N ARG A 52 -4.68 29.80 10.66
CA ARG A 52 -5.11 29.47 11.99
C ARG A 52 -6.61 29.11 12.01
N ARG A 53 -7.40 29.79 11.19
CA ARG A 53 -8.85 29.58 11.12
C ARG A 53 -9.25 28.24 10.51
N TYR A 54 -8.73 27.97 9.32
CA TYR A 54 -9.10 26.75 8.63
C TYR A 54 -8.40 25.53 9.21
N GLN A 55 -7.36 25.73 10.01
CA GLN A 55 -6.76 24.59 10.68
C GLN A 55 -7.55 24.26 11.93
N LYS A 56 -8.36 25.19 12.39
CA LYS A 56 -9.08 24.95 13.64
C LYS A 56 -10.46 24.33 13.39
N SER A 57 -10.97 24.46 12.17
CA SER A 57 -12.30 23.92 11.87
C SER A 57 -12.30 22.65 10.96
N THR A 58 -13.49 22.14 10.66
CA THR A 58 -13.60 20.91 9.89
C THR A 58 -14.60 20.99 8.76
N GLU A 59 -15.16 22.16 8.51
CA GLU A 59 -16.17 22.31 7.48
C GLU A 59 -15.54 21.96 6.12
N LEU A 60 -16.36 21.50 5.18
CA LEU A 60 -15.92 21.32 3.81
C LEU A 60 -15.65 22.72 3.23
N LEU A 61 -14.69 22.82 2.31
CA LEU A 61 -14.19 24.11 1.84
C LEU A 61 -14.53 24.36 0.36
N ILE A 62 -15.08 23.33 -0.30
CA ILE A 62 -15.62 23.50 -1.63
C ILE A 62 -17.15 23.64 -1.54
N ARG A 63 -17.75 24.50 -2.36
CA ARG A 63 -19.21 24.68 -2.35
C ARG A 63 -19.90 23.41 -2.88
N LYS A 64 -20.94 22.96 -2.21
CA LYS A 64 -21.48 21.62 -2.42
C LYS A 64 -21.92 21.36 -3.85
N LEU A 65 -22.66 22.30 -4.41
CA LEU A 65 -23.27 22.12 -5.72
C LEU A 65 -22.29 22.13 -6.90
N PRO A 66 -21.35 23.08 -6.96
CA PRO A 66 -20.36 23.02 -8.06
C PRO A 66 -19.66 21.67 -8.12
N PHE A 67 -19.37 21.16 -6.94
CA PHE A 67 -18.70 19.89 -6.79
C PHE A 67 -19.60 18.75 -7.24
N GLN A 68 -20.87 18.82 -6.86
CA GLN A 68 -21.82 17.82 -7.27
C GLN A 68 -21.94 17.71 -8.80
N ARG A 69 -21.93 18.86 -9.48
CA ARG A 69 -21.93 18.87 -10.93
C ARG A 69 -20.73 18.13 -11.47
N LEU A 70 -19.57 18.48 -10.95
CA LEU A 70 -18.32 17.89 -11.37
C LEU A 70 -18.35 16.37 -11.23
N VAL A 71 -18.93 15.89 -10.13
CA VAL A 71 -18.93 14.49 -9.85
C VAL A 71 -19.78 13.77 -10.86
N ARG A 72 -21.01 14.24 -11.02
CA ARG A 72 -21.96 13.71 -12.01
C ARG A 72 -21.41 13.80 -13.42
N GLU A 73 -20.81 14.94 -13.77
CA GLU A 73 -20.19 15.15 -15.07
C GLU A 73 -19.19 14.07 -15.39
N ILE A 74 -18.31 13.80 -14.44
CA ILE A 74 -17.22 12.83 -14.61
C ILE A 74 -17.80 11.41 -14.68
N ALA A 75 -18.76 11.13 -13.80
CA ALA A 75 -19.40 9.81 -13.74
C ALA A 75 -20.05 9.43 -15.07
N GLN A 76 -20.62 10.43 -15.73
CA GLN A 76 -21.42 10.21 -16.92
C GLN A 76 -20.55 9.66 -18.04
N ASP A 77 -19.24 9.88 -17.99
CA ASP A 77 -18.34 9.28 -18.99
C ASP A 77 -18.06 7.78 -18.80
N PHE A 78 -18.56 7.18 -17.73
CA PHE A 78 -18.26 5.78 -17.42
C PHE A 78 -19.50 4.89 -17.51
N LYS A 79 -20.64 5.50 -17.14
CA LYS A 79 -21.96 4.91 -17.29
C LYS A 79 -22.93 6.08 -17.31
N THR A 80 -23.96 6.00 -18.15
CA THR A 80 -24.91 7.10 -18.27
C THR A 80 -26.13 6.87 -17.39
N ASP A 81 -26.87 7.95 -17.11
CA ASP A 81 -28.13 7.91 -16.39
C ASP A 81 -27.93 7.34 -15.00
N LEU A 82 -26.84 7.75 -14.36
CA LEU A 82 -26.57 7.31 -13.01
C LEU A 82 -27.26 8.17 -11.97
N ARG A 83 -27.54 7.56 -10.83
CA ARG A 83 -28.02 8.30 -9.68
C ARG A 83 -27.01 8.10 -8.54
N PHE A 84 -27.05 9.01 -7.57
CA PHE A 84 -26.10 9.04 -6.47
C PHE A 84 -26.82 9.20 -5.14
N GLN A 85 -26.51 8.34 -4.17
CA GLN A 85 -26.89 8.64 -2.78
C GLN A 85 -26.26 9.96 -2.33
N SER A 86 -26.98 10.72 -1.51
CA SER A 86 -26.44 11.97 -0.98
C SER A 86 -25.15 11.69 -0.26
N SER A 87 -25.12 10.58 0.47
CA SER A 87 -23.92 10.18 1.20
C SER A 87 -22.76 9.81 0.28
N ALA A 88 -23.07 9.29 -0.91
CA ALA A 88 -22.04 8.93 -1.88
C ALA A 88 -21.30 10.16 -2.40
N VAL A 89 -22.02 11.24 -2.64
CA VAL A 89 -21.39 12.50 -3.01
C VAL A 89 -20.64 13.09 -1.82
N MET A 90 -21.21 12.93 -0.63
CA MET A 90 -20.56 13.47 0.57
C MET A 90 -19.25 12.76 0.91
N ALA A 91 -19.22 11.44 0.79
CA ALA A 91 -17.98 10.71 0.98
C ALA A 91 -16.92 11.18 -0.02
N LEU A 92 -17.30 11.29 -1.27
CA LEU A 92 -16.37 11.76 -2.29
C LEU A 92 -15.74 13.09 -1.92
N GLN A 93 -16.56 14.05 -1.53
CA GLN A 93 -16.04 15.36 -1.19
C GLN A 93 -15.08 15.26 0.00
N GLU A 94 -15.49 14.53 1.03
CA GLU A 94 -14.61 14.31 2.17
C GLU A 94 -13.27 13.78 1.70
N ALA A 95 -13.29 12.73 0.88
CA ALA A 95 -12.07 12.12 0.34
C ALA A 95 -11.20 13.14 -0.41
N CYS A 96 -11.82 13.92 -1.30
CA CYS A 96 -11.09 14.93 -2.08
C CYS A 96 -10.45 16.02 -1.25
N GLU A 97 -11.22 16.59 -0.32
CA GLU A 97 -10.70 17.70 0.42
C GLU A 97 -9.59 17.24 1.35
N ALA A 98 -9.72 16.05 1.91
CA ALA A 98 -8.67 15.48 2.73
C ALA A 98 -7.40 15.25 1.89
N TYR A 99 -7.58 14.76 0.67
CA TYR A 99 -6.48 14.43 -0.19
C TYR A 99 -5.74 15.67 -0.60
N LEU A 100 -6.49 16.70 -0.99
CA LEU A 100 -5.91 17.95 -1.47
C LEU A 100 -5.26 18.69 -0.31
N VAL A 101 -5.90 18.72 0.85
CA VAL A 101 -5.30 19.38 2.01
C VAL A 101 -4.00 18.69 2.37
N GLY A 102 -3.98 17.37 2.28
CA GLY A 102 -2.74 16.65 2.47
C GLY A 102 -1.69 16.96 1.44
N LEU A 103 -2.10 17.17 0.18
CA LEU A 103 -1.15 17.41 -0.91
C LEU A 103 -0.50 18.77 -0.78
N PHE A 104 -1.28 19.75 -0.34
CA PHE A 104 -0.75 21.07 -0.04
C PHE A 104 0.24 21.02 1.13
N GLU A 105 0.13 20.06 2.04
CA GLU A 105 1.10 19.96 3.11
C GLU A 105 2.47 19.63 2.54
N ASP A 106 2.56 18.55 1.76
CA ASP A 106 3.82 18.13 1.14
C ASP A 106 4.35 19.17 0.12
N THR A 107 3.43 19.81 -0.60
CA THR A 107 3.80 20.87 -1.53
C THR A 107 4.49 22.03 -0.78
N ASN A 108 3.88 22.46 0.31
CA ASN A 108 4.42 23.56 1.08
C ASN A 108 5.80 23.20 1.63
N LEU A 109 5.99 21.95 2.04
CA LEU A 109 7.30 21.48 2.45
C LEU A 109 8.35 21.63 1.35
N CYS A 110 7.95 21.28 0.12
CA CYS A 110 8.81 21.37 -1.06
C CYS A 110 9.21 22.82 -1.42
N ALA A 111 8.26 23.75 -1.37
CA ALA A 111 8.57 25.16 -1.56
C ALA A 111 9.57 25.67 -0.52
N ILE A 112 9.36 25.28 0.73
CA ILE A 112 10.25 25.69 1.78
C ILE A 112 11.64 25.08 1.56
N HIS A 113 11.70 23.93 0.91
CA HIS A 113 12.97 23.28 0.68
C HIS A 113 13.78 24.08 -0.32
N ALA A 114 13.10 24.73 -1.25
CA ALA A 114 13.77 25.54 -2.25
C ALA A 114 13.95 26.96 -1.72
N LYS A 115 13.89 27.09 -0.40
CA LYS A 115 14.06 28.38 0.26
C LYS A 115 13.10 29.42 -0.30
N ARG A 116 11.82 29.03 -0.42
CA ARG A 116 10.75 29.93 -0.83
C ARG A 116 9.60 29.85 0.17
N VAL A 117 8.63 30.75 0.08
CA VAL A 117 7.42 30.61 0.89
C VAL A 117 6.16 30.61 0.02
N THR A 118 6.36 30.48 -1.29
CA THR A 118 5.28 30.47 -2.25
C THR A 118 5.17 29.13 -2.97
N ILE A 119 4.07 28.41 -2.80
CA ILE A 119 3.95 27.17 -3.56
C ILE A 119 3.75 27.42 -5.07
N MET A 120 4.41 26.59 -5.88
CA MET A 120 4.42 26.71 -7.34
C MET A 120 4.14 25.34 -7.93
N PRO A 121 3.71 25.29 -9.18
CA PRO A 121 3.36 23.95 -9.68
C PRO A 121 4.53 22.97 -9.61
N LYS A 122 5.75 23.46 -9.72
CA LYS A 122 6.86 22.53 -9.66
C LYS A 122 6.91 21.84 -8.30
N ASP A 123 6.41 22.52 -7.26
CA ASP A 123 6.33 21.93 -5.93
C ASP A 123 5.30 20.79 -5.91
N ILE A 124 4.10 21.04 -6.45
CA ILE A 124 3.05 20.02 -6.54
C ILE A 124 3.53 18.85 -7.37
N GLN A 125 4.18 19.12 -8.50
CA GLN A 125 4.70 18.04 -9.33
C GLN A 125 5.69 17.18 -8.57
N LEU A 126 6.62 17.81 -7.84
CA LEU A 126 7.65 17.10 -7.08
C LEU A 126 7.06 16.26 -5.96
N ALA A 127 6.07 16.80 -5.25
CA ALA A 127 5.38 16.03 -4.22
C ALA A 127 4.65 14.82 -4.82
N ARG A 128 4.07 14.98 -6.01
CA ARG A 128 3.31 13.87 -6.59
C ARG A 128 4.23 12.80 -7.12
N ARG A 129 5.44 13.17 -7.51
CA ARG A 129 6.35 12.15 -8.00
C ARG A 129 6.92 11.32 -6.83
N ILE A 130 7.11 11.94 -5.67
CA ILE A 130 7.69 11.21 -4.57
C ILE A 130 6.66 10.39 -3.82
N ARG A 131 5.41 10.85 -3.83
CA ARG A 131 4.26 10.01 -3.42
C ARG A 131 4.00 8.82 -4.39
N GLY A 132 4.57 8.88 -5.59
CA GLY A 132 4.44 7.78 -6.54
C GLY A 132 3.14 7.83 -7.31
N GLU A 133 2.61 9.01 -7.53
CA GLU A 133 1.40 9.12 -8.27
C GLU A 133 1.74 9.43 -9.71
N ARG A 134 2.90 10.00 -9.92
CA ARG A 134 3.39 10.33 -11.24
C ARG A 134 4.78 9.76 -11.50
N ALA A 135 5.40 9.24 -10.45
CA ALA A 135 6.78 8.77 -10.48
C ALA A 135 7.48 8.78 -11.83
N LEU B 22 -23.01 30.08 -20.26
CA LEU B 22 -21.68 29.56 -20.53
C LEU B 22 -20.85 29.43 -19.23
N ARG B 23 -20.26 28.24 -19.03
CA ARG B 23 -19.30 27.96 -17.94
C ARG B 23 -18.81 26.50 -18.01
N ASP B 24 -17.64 26.21 -17.44
CA ASP B 24 -17.21 24.81 -17.35
C ASP B 24 -17.19 24.35 -15.88
N ASN B 25 -17.37 23.05 -15.65
CA ASN B 25 -17.65 22.58 -14.31
C ASN B 25 -16.45 22.46 -13.38
N ILE B 26 -15.30 22.09 -13.95
CA ILE B 26 -14.06 22.07 -13.19
C ILE B 26 -13.75 23.46 -12.72
N GLN B 27 -14.25 24.44 -13.45
CA GLN B 27 -13.95 25.82 -13.17
C GLN B 27 -14.88 26.26 -12.06
N GLY B 28 -15.82 25.39 -11.72
CA GLY B 28 -16.72 25.64 -10.62
C GLY B 28 -15.99 25.42 -9.31
N ILE B 29 -14.91 24.64 -9.39
CA ILE B 29 -13.94 24.58 -8.31
C ILE B 29 -13.14 25.89 -8.37
N THR B 30 -13.58 26.87 -7.60
CA THR B 30 -13.07 28.24 -7.74
C THR B 30 -11.75 28.53 -7.00
N LYS B 31 -11.18 29.69 -7.27
CA LYS B 31 -9.98 30.17 -6.59
C LYS B 31 -10.17 30.39 -5.08
N PRO B 32 -11.24 31.08 -4.66
CA PRO B 32 -11.43 31.19 -3.20
C PRO B 32 -11.37 29.84 -2.50
N ALA B 33 -12.03 28.83 -3.06
CA ALA B 33 -12.06 27.51 -2.43
C ALA B 33 -10.71 26.84 -2.46
N ILE B 34 -10.00 27.00 -3.57
CA ILE B 34 -8.70 26.36 -3.73
C ILE B 34 -7.73 27.05 -2.76
N ARG B 35 -7.98 28.33 -2.49
CA ARG B 35 -7.13 29.06 -1.56
C ARG B 35 -7.37 28.53 -0.14
N ARG B 36 -8.63 28.27 0.20
CA ARG B 36 -8.99 27.72 1.51
C ARG B 36 -8.38 26.35 1.80
N LEU B 37 -8.40 25.43 0.83
CA LEU B 37 -7.81 24.11 1.07
C LEU B 37 -6.31 24.29 1.37
N ALA B 38 -5.65 25.09 0.55
CA ALA B 38 -4.24 25.38 0.78
C ALA B 38 -4.00 25.88 2.19
N ARG B 39 -4.91 26.74 2.67
CA ARG B 39 -4.75 27.39 3.96
C ARG B 39 -4.83 26.35 5.08
N ARG B 40 -5.73 25.38 4.96
CA ARG B 40 -5.80 24.27 5.91
C ARG B 40 -4.51 23.46 5.91
N GLY B 41 -3.80 23.52 4.79
CA GLY B 41 -2.54 22.80 4.62
C GLY B 41 -1.36 23.63 5.04
N GLY B 42 -1.64 24.81 5.58
CA GLY B 42 -0.62 25.69 6.10
C GLY B 42 0.11 26.51 5.05
N VAL B 43 -0.49 26.72 3.88
CA VAL B 43 0.18 27.44 2.80
C VAL B 43 0.02 28.97 2.90
N LYS B 44 1.13 29.70 2.86
CA LYS B 44 1.11 31.14 3.11
C LYS B 44 1.03 32.01 1.82
N ARG B 45 1.88 31.71 0.85
CA ARG B 45 1.83 32.43 -0.42
C ARG B 45 1.59 31.44 -1.58
N ILE B 46 0.76 31.86 -2.54
CA ILE B 46 0.31 31.00 -3.64
C ILE B 46 0.55 31.59 -5.03
N SER B 47 1.49 31.03 -5.78
CA SER B 47 1.63 31.38 -7.19
C SER B 47 0.30 31.31 -7.92
N GLY B 48 0.07 32.24 -8.83
CA GLY B 48 -1.19 32.31 -9.55
C GLY B 48 -1.45 31.15 -10.47
N LEU B 49 -0.41 30.37 -10.78
CA LEU B 49 -0.54 29.19 -11.63
C LEU B 49 -1.03 27.95 -10.88
N ILE B 50 -1.07 28.03 -9.55
CA ILE B 50 -1.43 26.92 -8.68
C ILE B 50 -2.85 26.47 -9.00
N TYR B 51 -3.71 27.45 -9.27
CA TYR B 51 -5.12 27.16 -9.37
C TYR B 51 -5.44 26.21 -10.53
N GLU B 52 -4.86 26.41 -11.70
CA GLU B 52 -5.18 25.49 -12.80
C GLU B 52 -4.52 24.16 -12.58
N GLU B 53 -3.33 24.17 -12.00
CA GLU B 53 -2.69 22.90 -11.65
C GLU B 53 -3.55 22.05 -10.68
N THR B 54 -4.13 22.71 -9.67
CA THR B 54 -4.95 22.03 -8.68
C THR B 54 -6.19 21.42 -9.29
N ARG B 55 -6.80 22.10 -10.24
CA ARG B 55 -7.97 21.52 -10.90
C ARG B 55 -7.60 20.25 -11.69
N GLY B 56 -6.40 20.25 -12.28
CA GLY B 56 -5.91 19.09 -13.01
C GLY B 56 -5.75 17.89 -12.11
N VAL B 57 -5.13 18.11 -10.96
CA VAL B 57 -4.86 17.04 -10.01
C VAL B 57 -6.15 16.49 -9.45
N LEU B 58 -7.05 17.41 -9.09
CA LEU B 58 -8.34 17.06 -8.55
C LEU B 58 -9.15 16.22 -9.51
N LYS B 59 -9.05 16.53 -10.81
CA LYS B 59 -9.79 15.80 -11.81
C LYS B 59 -9.24 14.39 -11.97
N VAL B 60 -7.91 14.20 -11.91
CA VAL B 60 -7.39 12.82 -11.93
C VAL B 60 -7.80 12.02 -10.70
N PHE B 61 -7.82 12.69 -9.55
CA PHE B 61 -8.18 12.02 -8.31
C PHE B 61 -9.63 11.54 -8.39
N LEU B 62 -10.50 12.42 -8.86
CA LEU B 62 -11.92 12.10 -8.96
C LEU B 62 -12.19 11.03 -9.99
N GLU B 63 -11.54 11.12 -11.14
CA GLU B 63 -11.76 10.14 -12.17
C GLU B 63 -11.39 8.76 -11.66
N ASN B 64 -10.17 8.66 -11.10
CA ASN B 64 -9.66 7.37 -10.64
C ASN B 64 -10.58 6.69 -9.64
N VAL B 65 -11.19 7.48 -8.77
CA VAL B 65 -12.05 6.93 -7.74
C VAL B 65 -13.43 6.63 -8.28
N ILE B 66 -13.97 7.53 -9.09
CA ILE B 66 -15.33 7.36 -9.59
C ILE B 66 -15.41 6.14 -10.51
N ARG B 67 -14.45 6.04 -11.43
CA ARG B 67 -14.33 4.88 -12.27
C ARG B 67 -14.43 3.58 -11.48
N ASP B 68 -13.70 3.47 -10.36
CA ASP B 68 -13.78 2.24 -9.59
C ASP B 68 -15.13 2.10 -8.93
N ALA B 69 -15.67 3.20 -8.40
CA ALA B 69 -16.96 3.14 -7.75
C ALA B 69 -18.04 2.62 -8.72
N VAL B 70 -18.06 3.16 -9.92
CA VAL B 70 -19.08 2.77 -10.88
C VAL B 70 -18.91 1.30 -11.27
N THR B 71 -17.67 0.85 -11.32
CA THR B 71 -17.43 -0.56 -11.55
C THR B 71 -18.10 -1.40 -10.48
N TYR B 72 -18.14 -0.90 -9.25
CA TYR B 72 -18.91 -1.57 -8.19
C TYR B 72 -20.40 -1.50 -8.48
N THR B 73 -20.89 -0.31 -8.86
CA THR B 73 -22.31 -0.16 -9.16
C THR B 73 -22.69 -1.17 -10.23
N GLU B 74 -21.91 -1.23 -11.30
CA GLU B 74 -22.23 -2.05 -12.46
C GLU B 74 -22.21 -3.50 -12.04
N HIS B 75 -21.34 -3.84 -11.10
CA HIS B 75 -21.28 -5.22 -10.71
C HIS B 75 -22.48 -5.59 -9.87
N ALA B 76 -23.01 -4.62 -9.13
CA ALA B 76 -24.16 -4.84 -8.25
C ALA B 76 -25.48 -4.68 -9.01
N LYS B 77 -25.39 -4.63 -10.34
CA LYS B 77 -26.55 -4.46 -11.20
C LYS B 77 -27.42 -3.30 -10.79
N ARG B 78 -26.80 -2.19 -10.39
CA ARG B 78 -27.56 -1.03 -9.94
C ARG B 78 -27.40 0.15 -10.89
N LYS B 79 -28.22 1.18 -10.70
CA LYS B 79 -28.14 2.37 -11.53
C LYS B 79 -27.80 3.56 -10.64
N THR B 80 -27.50 3.24 -9.38
CA THR B 80 -27.23 4.22 -8.32
C THR B 80 -25.92 4.02 -7.57
N VAL B 81 -24.99 4.96 -7.71
CA VAL B 81 -23.77 4.91 -6.91
C VAL B 81 -24.06 5.05 -5.40
N THR B 82 -23.72 4.03 -4.62
CA THR B 82 -23.96 4.11 -3.16
C THR B 82 -22.73 4.58 -2.44
N ALA B 83 -22.91 5.10 -1.23
CA ALA B 83 -21.77 5.46 -0.41
C ALA B 83 -20.81 4.27 -0.27
N MET B 84 -21.32 3.05 -0.11
CA MET B 84 -20.40 1.90 -0.02
C MET B 84 -19.58 1.69 -1.26
N ASP B 85 -20.14 1.97 -2.43
CA ASP B 85 -19.38 1.83 -3.68
C ASP B 85 -18.21 2.77 -3.62
N VAL B 86 -18.44 4.01 -3.18
CA VAL B 86 -17.36 4.98 -2.98
C VAL B 86 -16.33 4.54 -1.92
N VAL B 87 -16.79 3.97 -0.81
CA VAL B 87 -15.89 3.55 0.26
C VAL B 87 -15.00 2.39 -0.21
N TYR B 88 -15.60 1.39 -0.84
CA TYR B 88 -14.83 0.32 -1.42
C TYR B 88 -13.81 0.80 -2.46
N ALA B 89 -14.18 1.82 -3.24
CA ALA B 89 -13.27 2.38 -4.27
C ALA B 89 -12.09 3.03 -3.59
N LEU B 90 -12.39 3.91 -2.65
CA LEU B 90 -11.40 4.61 -1.90
C LEU B 90 -10.50 3.60 -1.18
N LYS B 91 -11.05 2.47 -0.75
CA LYS B 91 -10.19 1.51 -0.06
C LYS B 91 -9.20 0.90 -1.01
N ARG B 92 -9.61 0.47 -2.18
CA ARG B 92 -8.60 -0.14 -3.03
C ARG B 92 -7.72 0.90 -3.71
N GLN B 93 -8.06 2.19 -3.70
CA GLN B 93 -7.11 3.20 -4.13
C GLN B 93 -6.09 3.47 -3.04
N GLY B 94 -6.32 2.90 -1.85
CA GLY B 94 -5.44 3.09 -0.72
C GLY B 94 -5.72 4.38 0.03
N ARG B 95 -6.97 4.84 -0.04
CA ARG B 95 -7.42 6.02 0.70
C ARG B 95 -8.68 5.78 1.55
N THR B 96 -8.58 4.79 2.42
CA THR B 96 -9.64 4.34 3.32
C THR B 96 -10.32 5.47 4.04
N LEU B 97 -11.66 5.49 3.99
CA LEU B 97 -12.48 6.55 4.58
C LEU B 97 -13.39 6.00 5.67
N TYR B 98 -13.31 6.61 6.85
CA TYR B 98 -14.19 6.22 7.96
C TYR B 98 -15.32 7.20 8.03
N GLY B 99 -16.52 6.69 8.30
CA GLY B 99 -17.64 7.57 8.60
C GLY B 99 -18.83 7.41 7.68
N PHE B 100 -18.73 6.51 6.71
CA PHE B 100 -19.78 6.40 5.71
C PHE B 100 -20.17 4.95 5.49
N GLY B 101 -19.84 4.10 6.45
CA GLY B 101 -20.16 2.69 6.35
C GLY B 101 -18.98 1.78 6.12
N GLY B 102 -17.76 2.25 6.42
CA GLY B 102 -16.55 1.45 6.22
C GLY B 102 -16.45 0.08 6.91
N LYS C 13 -11.87 -40.44 -25.51
CA LYS C 13 -11.19 -40.43 -24.22
C LYS C 13 -11.43 -39.10 -23.50
N ALA C 14 -10.61 -38.83 -22.49
CA ALA C 14 -10.77 -37.62 -21.68
C ALA C 14 -10.11 -36.42 -22.34
N LYS C 15 -10.85 -35.32 -22.44
CA LYS C 15 -10.31 -34.07 -22.97
C LYS C 15 -10.10 -33.05 -21.84
N THR C 16 -8.91 -32.46 -21.76
CA THR C 16 -8.68 -31.50 -20.67
C THR C 16 -9.43 -30.21 -20.96
N ARG C 17 -9.81 -29.55 -19.87
CA ARG C 17 -10.58 -28.34 -19.91
C ARG C 17 -9.76 -27.19 -20.50
N SER C 18 -8.44 -27.26 -20.31
CA SER C 18 -7.57 -26.27 -20.90
C SER C 18 -7.77 -26.33 -22.41
N SER C 19 -7.55 -27.51 -23.01
CA SER C 19 -7.75 -27.66 -24.45
C SER C 19 -9.16 -27.23 -24.87
N ARG C 20 -10.14 -27.51 -24.02
CA ARG C 20 -11.51 -27.13 -24.33
C ARG C 20 -11.69 -25.61 -24.37
N ALA C 21 -10.77 -24.87 -23.76
CA ALA C 21 -10.89 -23.40 -23.66
C ALA C 21 -9.88 -22.70 -24.57
N GLY C 22 -8.95 -23.48 -25.10
CA GLY C 22 -7.99 -23.00 -26.05
C GLY C 22 -6.78 -22.45 -25.35
N LEU C 23 -6.49 -22.99 -24.15
CA LEU C 23 -5.49 -22.41 -23.25
C LEU C 23 -4.28 -23.31 -22.98
N GLN C 24 -3.10 -22.70 -22.86
CA GLN C 24 -1.92 -23.42 -22.43
C GLN C 24 -1.91 -23.55 -20.92
N PHE C 25 -2.39 -22.51 -20.23
CA PHE C 25 -2.41 -22.49 -18.77
C PHE C 25 -3.40 -23.53 -18.26
N PRO C 26 -3.10 -24.13 -17.08
CA PRO C 26 -3.81 -25.32 -16.58
C PRO C 26 -5.12 -25.01 -15.88
N VAL C 27 -6.24 -25.06 -16.60
CA VAL C 27 -7.54 -24.79 -16.01
C VAL C 27 -7.85 -25.64 -14.77
N GLY C 28 -7.53 -26.94 -14.79
CA GLY C 28 -7.85 -27.79 -13.65
C GLY C 28 -7.17 -27.37 -12.36
N ARG C 29 -5.89 -27.06 -12.48
CA ARG C 29 -5.09 -26.65 -11.35
C ARG C 29 -5.58 -25.32 -10.80
N VAL C 30 -6.00 -24.42 -11.70
CA VAL C 30 -6.46 -23.11 -11.26
C VAL C 30 -7.78 -23.27 -10.54
N HIS C 31 -8.58 -24.28 -10.91
CA HIS C 31 -9.86 -24.49 -10.23
C HIS C 31 -9.59 -24.93 -8.78
N ARG C 32 -8.62 -25.83 -8.62
CA ARG C 32 -8.25 -26.38 -7.33
C ARG C 32 -7.72 -25.32 -6.38
N LEU C 33 -6.91 -24.41 -6.91
CA LEU C 33 -6.34 -23.32 -6.14
C LEU C 33 -7.44 -22.36 -5.67
N LEU C 34 -8.46 -22.16 -6.50
CA LEU C 34 -9.59 -21.31 -6.08
C LEU C 34 -10.41 -21.91 -4.92
N ARG C 35 -10.83 -23.16 -5.00
CA ARG C 35 -11.60 -23.76 -3.91
C ARG C 35 -10.81 -23.77 -2.61
N LYS C 36 -9.53 -24.11 -2.73
CA LYS C 36 -8.69 -24.44 -1.61
C LYS C 36 -7.96 -23.20 -1.06
N GLY C 37 -8.46 -22.02 -1.41
CA GLY C 37 -7.74 -20.82 -1.07
C GLY C 37 -8.53 -19.86 -0.18
N ASN C 38 -9.69 -20.33 0.26
CA ASN C 38 -10.56 -19.57 1.15
C ASN C 38 -10.93 -18.31 0.46
N TYR C 39 -11.46 -18.44 -0.75
CA TYR C 39 -11.92 -17.24 -1.43
C TYR C 39 -13.44 -17.20 -1.41
N SER C 40 -14.06 -18.36 -1.46
CA SER C 40 -15.51 -18.42 -1.41
C SER C 40 -15.91 -19.83 -1.17
N GLU C 41 -17.18 -20.01 -0.82
CA GLU C 41 -17.64 -21.33 -0.46
C GLU C 41 -17.48 -22.25 -1.66
N ARG C 42 -18.22 -21.94 -2.71
CA ARG C 42 -18.20 -22.69 -3.95
C ARG C 42 -17.62 -21.86 -5.12
N VAL C 43 -17.16 -22.55 -6.16
CA VAL C 43 -16.58 -21.85 -7.33
C VAL C 43 -17.16 -22.30 -8.67
N GLY C 44 -17.73 -21.35 -9.40
CA GLY C 44 -18.31 -21.60 -10.72
C GLY C 44 -17.36 -22.13 -11.78
N ALA C 45 -17.89 -22.84 -12.76
CA ALA C 45 -17.12 -23.57 -13.76
C ALA C 45 -16.33 -22.66 -14.68
N GLY C 46 -16.86 -21.48 -14.95
CA GLY C 46 -16.22 -20.58 -15.88
C GLY C 46 -15.09 -19.79 -15.24
N ALA C 47 -15.14 -19.61 -13.93
CA ALA C 47 -14.15 -18.79 -13.22
C ALA C 47 -12.72 -19.29 -13.38
N PRO C 48 -12.46 -20.60 -13.22
CA PRO C 48 -11.06 -20.94 -13.43
C PRO C 48 -10.60 -20.75 -14.89
N VAL C 49 -11.53 -20.83 -15.83
CA VAL C 49 -11.20 -20.71 -17.23
C VAL C 49 -10.91 -19.24 -17.52
N TYR C 50 -11.71 -18.35 -16.97
CA TYR C 50 -11.59 -16.95 -17.34
C TYR C 50 -10.30 -16.45 -16.69
N LEU C 51 -9.98 -17.01 -15.52
CA LEU C 51 -8.80 -16.60 -14.80
C LEU C 51 -7.54 -17.16 -15.42
N ALA C 52 -7.57 -18.43 -15.78
CA ALA C 52 -6.41 -19.00 -16.46
C ALA C 52 -6.10 -18.20 -17.76
N ALA C 53 -7.15 -17.81 -18.48
CA ALA C 53 -6.93 -17.00 -19.66
C ALA C 53 -6.14 -15.70 -19.35
N VAL C 54 -6.59 -14.97 -18.35
CA VAL C 54 -6.03 -13.67 -18.02
C VAL C 54 -4.54 -13.80 -17.63
N LEU C 55 -4.25 -14.87 -16.91
CA LEU C 55 -2.90 -15.09 -16.43
C LEU C 55 -2.00 -15.35 -17.63
N GLU C 56 -2.50 -16.15 -18.56
CA GLU C 56 -1.78 -16.50 -19.79
C GLU C 56 -1.60 -15.28 -20.71
N TYR C 57 -2.62 -14.43 -20.81
CA TYR C 57 -2.48 -13.22 -21.59
C TYR C 57 -1.36 -12.34 -21.05
N LEU C 58 -1.38 -12.09 -19.73
CA LEU C 58 -0.39 -11.23 -19.10
C LEU C 58 1.02 -11.84 -19.18
N THR C 59 1.09 -13.15 -18.96
CA THR C 59 2.38 -13.82 -19.07
C THR C 59 2.94 -13.56 -20.43
N ALA C 60 2.10 -13.78 -21.45
CA ALA C 60 2.48 -13.59 -22.86
C ALA C 60 2.91 -12.14 -23.18
N GLU C 61 2.16 -11.16 -22.70
CA GLU C 61 2.55 -9.79 -22.84
C GLU C 61 3.97 -9.50 -22.25
N ILE C 62 4.30 -10.03 -21.06
CA ILE C 62 5.60 -9.72 -20.50
C ILE C 62 6.68 -10.45 -21.27
N LEU C 63 6.45 -11.72 -21.58
CA LEU C 63 7.45 -12.49 -22.30
C LEU C 63 7.70 -11.93 -23.73
N GLU C 64 6.68 -11.36 -24.38
CA GLU C 64 6.94 -10.81 -25.70
C GLU C 64 7.86 -9.61 -25.59
N LEU C 65 7.56 -8.70 -24.66
CA LEU C 65 8.40 -7.50 -24.44
C LEU C 65 9.79 -7.83 -23.91
N ALA C 66 9.90 -8.85 -23.05
CA ALA C 66 11.20 -9.27 -22.53
C ALA C 66 12.09 -9.92 -23.60
N GLY C 67 11.50 -10.80 -24.42
CA GLY C 67 12.21 -11.37 -25.55
C GLY C 67 12.81 -10.32 -26.47
N ASN C 68 12.12 -9.20 -26.63
CA ASN C 68 12.65 -8.15 -27.46
C ASN C 68 13.83 -7.49 -26.81
N ALA C 69 13.77 -7.42 -25.47
CA ALA C 69 14.86 -6.86 -24.70
C ALA C 69 16.08 -7.75 -24.77
N ALA C 70 15.87 -9.06 -24.77
CA ALA C 70 16.97 -10.00 -24.92
C ALA C 70 17.62 -9.81 -26.29
N ARG C 71 16.79 -9.62 -27.32
CA ARG C 71 17.28 -9.56 -28.70
C ARG C 71 17.92 -8.21 -28.95
N ASP C 72 17.44 -7.17 -28.28
CA ASP C 72 18.08 -5.87 -28.46
C ASP C 72 19.48 -5.88 -27.87
N ASN C 73 19.77 -6.76 -26.91
CA ASN C 73 21.10 -6.84 -26.31
C ASN C 73 21.83 -8.12 -26.70
N LYS C 74 21.43 -8.65 -27.86
CA LYS C 74 22.07 -9.79 -28.54
C LYS C 74 22.19 -11.09 -27.72
N LYS C 75 21.25 -11.35 -26.83
CA LYS C 75 21.24 -12.62 -26.14
C LYS C 75 20.01 -13.43 -26.53
N THR C 76 20.05 -14.75 -26.36
CA THR C 76 18.89 -15.53 -26.72
C THR C 76 18.22 -16.10 -25.48
N ARG C 77 18.80 -15.88 -24.32
CA ARG C 77 18.16 -16.31 -23.09
C ARG C 77 17.77 -15.11 -22.27
N ILE C 78 16.47 -15.00 -22.01
CA ILE C 78 15.89 -13.97 -21.14
C ILE C 78 16.38 -14.13 -19.71
N ILE C 79 16.94 -13.06 -19.16
CA ILE C 79 17.38 -13.02 -17.76
C ILE C 79 16.56 -11.94 -17.01
N PRO C 80 16.77 -11.77 -15.68
CA PRO C 80 15.99 -10.74 -14.97
C PRO C 80 16.15 -9.30 -15.47
N ARG C 81 17.33 -8.92 -15.94
CA ARG C 81 17.51 -7.59 -16.53
C ARG C 81 16.48 -7.34 -17.63
N HIS C 82 16.15 -8.40 -18.36
CA HIS C 82 15.27 -8.25 -19.51
C HIS C 82 13.83 -8.10 -19.06
N LEU C 83 13.46 -8.78 -17.98
CA LEU C 83 12.13 -8.62 -17.41
C LEU C 83 11.97 -7.19 -16.92
N GLN C 84 13.02 -6.68 -16.31
CA GLN C 84 12.95 -5.34 -15.75
C GLN C 84 12.83 -4.31 -16.85
N LEU C 85 13.66 -4.39 -17.88
CA LEU C 85 13.54 -3.44 -19.02
C LEU C 85 12.15 -3.44 -19.65
N ALA C 86 11.54 -4.61 -19.82
CA ALA C 86 10.20 -4.70 -20.39
C ALA C 86 9.16 -4.04 -19.52
N ILE C 87 9.20 -4.35 -18.23
CA ILE C 87 8.26 -3.80 -17.29
C ILE C 87 8.42 -2.25 -17.08
N ARG C 88 9.64 -1.74 -16.94
CA ARG C 88 9.68 -0.32 -16.64
C ARG C 88 9.44 0.52 -17.88
N ASN C 89 9.89 0.04 -19.04
CA ASN C 89 9.74 0.82 -20.27
C ASN C 89 8.33 0.82 -20.84
N ASP C 90 7.48 -0.07 -20.34
CA ASP C 90 6.07 -0.13 -20.72
C ASP C 90 5.18 0.45 -19.65
N GLU C 91 4.51 1.56 -19.97
CA GLU C 91 3.80 2.37 -18.96
C GLU C 91 2.74 1.59 -18.19
N GLU C 92 2.06 0.67 -18.85
CA GLU C 92 0.98 -0.04 -18.19
C GLU C 92 1.46 -1.16 -17.28
N LEU C 93 2.34 -2.01 -17.79
CA LEU C 93 2.97 -3.01 -16.94
C LEU C 93 3.71 -2.37 -15.76
N ASN C 94 4.41 -1.29 -16.04
CA ASN C 94 5.05 -0.52 -15.00
C ASN C 94 4.12 -0.18 -13.84
N LYS C 95 2.92 0.28 -14.14
CA LYS C 95 1.98 0.65 -13.09
C LYS C 95 1.43 -0.58 -12.39
N LEU C 96 1.29 -1.66 -13.15
CA LEU C 96 0.71 -2.87 -12.60
C LEU C 96 1.65 -3.41 -11.54
N LEU C 97 2.93 -3.21 -11.77
CA LEU C 97 3.97 -3.74 -10.94
C LEU C 97 4.84 -2.61 -10.37
N GLY C 98 4.18 -1.49 -10.06
CA GLY C 98 4.85 -0.28 -9.63
C GLY C 98 5.44 -0.35 -8.24
N LYS C 99 5.06 -1.37 -7.50
CA LYS C 99 5.52 -1.55 -6.14
C LYS C 99 6.06 -2.95 -5.96
N VAL C 100 6.70 -3.43 -7.00
CA VAL C 100 7.28 -4.77 -7.03
C VAL C 100 8.77 -4.67 -7.28
N THR C 101 9.56 -5.46 -6.60
CA THR C 101 10.98 -5.40 -6.82
C THR C 101 11.37 -6.65 -7.55
N ILE C 102 12.15 -6.50 -8.61
CA ILE C 102 12.57 -7.64 -9.39
C ILE C 102 14.04 -7.91 -9.08
N ALA C 103 14.28 -8.98 -8.34
CA ALA C 103 15.64 -9.28 -7.94
C ALA C 103 16.52 -9.40 -9.16
N GLN C 104 17.65 -8.70 -9.14
CA GLN C 104 18.67 -8.70 -10.19
C GLN C 104 18.25 -7.99 -11.48
N GLY C 105 17.26 -7.13 -11.36
CA GLY C 105 16.78 -6.37 -12.48
C GLY C 105 17.43 -5.03 -12.80
N GLY C 106 18.11 -4.40 -11.85
CA GLY C 106 18.76 -3.11 -12.07
C GLY C 106 17.78 -1.96 -12.26
N VAL C 107 18.22 -0.86 -12.86
CA VAL C 107 17.32 0.28 -13.11
C VAL C 107 17.38 0.76 -14.56
N LEU C 108 16.43 1.59 -15.00
CA LEU C 108 16.54 2.16 -16.38
C LEU C 108 17.65 3.19 -16.47
N PRO C 109 18.44 3.17 -17.56
CA PRO C 109 19.38 4.27 -17.71
C PRO C 109 18.67 5.60 -17.80
N ASN C 110 18.94 6.47 -16.84
CA ASN C 110 18.31 7.78 -16.79
C ASN C 110 19.09 8.74 -15.92
N ILE C 111 19.68 9.74 -16.59
CA ILE C 111 20.51 10.81 -16.01
C ILE C 111 19.84 12.16 -16.19
N GLN C 112 19.44 12.82 -15.10
CA GLN C 112 18.77 14.11 -15.19
C GLN C 112 19.53 15.11 -16.02
N ALA C 113 18.81 15.83 -16.90
CA ALA C 113 19.41 16.75 -17.88
C ALA C 113 20.31 17.78 -17.21
N VAL C 114 19.84 18.31 -16.09
CA VAL C 114 20.53 19.35 -15.33
C VAL C 114 21.94 18.94 -14.92
N LEU C 115 22.23 17.65 -14.99
CA LEU C 115 23.53 17.13 -14.51
C LEU C 115 24.61 17.01 -15.57
N LEU C 116 24.27 17.16 -16.84
CA LEU C 116 25.26 17.07 -17.92
C LEU C 116 26.07 18.35 -18.13
N PRO C 117 27.30 18.22 -18.65
CA PRO C 117 28.19 19.38 -18.92
C PRO C 117 27.69 20.27 -20.07
N LYS C 118 28.24 21.48 -20.19
CA LYS C 118 27.97 22.38 -21.33
C LYS C 118 28.87 22.07 -22.52
N ARG D 32 12.06 -36.39 -0.99
CA ARG D 32 11.04 -36.84 -1.92
C ARG D 32 9.68 -36.17 -1.59
N THR D 33 9.48 -34.96 -2.13
CA THR D 33 8.22 -34.26 -1.91
C THR D 33 7.90 -33.22 -2.98
N ARG D 34 6.61 -33.06 -3.25
CA ARG D 34 6.18 -32.58 -4.56
C ARG D 34 5.86 -31.10 -4.65
N LYS D 35 6.85 -30.34 -5.13
CA LYS D 35 6.69 -28.91 -5.38
C LYS D 35 6.06 -28.70 -6.75
N GLU D 36 5.05 -27.86 -6.83
CA GLU D 36 4.48 -27.61 -8.14
C GLU D 36 4.58 -26.15 -8.55
N SER D 37 4.57 -25.91 -9.85
CA SER D 37 4.89 -24.60 -10.41
C SER D 37 4.14 -24.30 -11.69
N TYR D 38 4.15 -23.02 -12.09
CA TYR D 38 3.60 -22.62 -13.38
C TYR D 38 4.62 -22.66 -14.51
N SER D 39 5.77 -23.25 -14.26
CA SER D 39 6.89 -23.26 -15.21
C SER D 39 6.57 -23.74 -16.62
N ILE D 40 6.01 -24.96 -16.73
CA ILE D 40 5.89 -25.62 -18.03
C ILE D 40 4.96 -24.79 -18.90
N TYR D 41 4.02 -24.12 -18.24
CA TYR D 41 3.09 -23.28 -18.97
C TYR D 41 3.73 -21.99 -19.39
N ILE D 42 4.54 -21.41 -18.50
CA ILE D 42 5.28 -20.20 -18.86
C ILE D 42 6.16 -20.55 -20.05
N TYR D 43 6.85 -21.67 -19.99
CA TYR D 43 7.71 -22.07 -21.11
C TYR D 43 6.92 -22.32 -22.45
N LYS D 44 5.74 -22.92 -22.35
CA LYS D 44 4.93 -23.13 -23.55
C LYS D 44 4.65 -21.78 -24.20
N VAL D 45 4.10 -20.86 -23.42
CA VAL D 45 3.77 -19.53 -23.87
C VAL D 45 5.04 -18.82 -24.35
N LEU D 46 6.16 -19.12 -23.70
CA LEU D 46 7.38 -18.48 -24.15
C LEU D 46 7.66 -18.92 -25.59
N LYS D 47 7.51 -20.22 -25.82
CA LYS D 47 7.86 -20.77 -27.12
C LYS D 47 6.90 -20.27 -28.17
N GLN D 48 5.67 -19.96 -27.78
CA GLN D 48 4.75 -19.45 -28.76
C GLN D 48 5.14 -18.09 -29.25
N VAL D 49 5.79 -17.33 -28.38
CA VAL D 49 5.94 -15.92 -28.65
C VAL D 49 7.32 -15.58 -29.21
N HIS D 50 8.33 -16.26 -28.69
CA HIS D 50 9.68 -16.10 -29.18
C HIS D 50 10.28 -17.50 -29.29
N PRO D 51 10.07 -18.13 -30.44
CA PRO D 51 10.34 -19.55 -30.61
C PRO D 51 11.80 -19.92 -30.48
N ASP D 52 12.74 -18.99 -30.57
CA ASP D 52 14.15 -19.39 -30.41
C ASP D 52 14.83 -18.79 -29.17
N THR D 53 14.01 -18.32 -28.22
CA THR D 53 14.52 -17.65 -27.04
C THR D 53 14.34 -18.54 -25.82
N GLY D 54 15.31 -18.53 -24.92
CA GLY D 54 15.21 -19.31 -23.70
C GLY D 54 14.94 -18.46 -22.47
N ILE D 55 14.84 -19.11 -21.33
CA ILE D 55 14.67 -18.33 -20.12
C ILE D 55 15.55 -18.95 -19.04
N SER D 56 16.35 -18.10 -18.42
CA SER D 56 17.19 -18.46 -17.28
C SER D 56 16.33 -18.85 -16.10
N SER D 57 16.85 -19.65 -15.18
CA SER D 57 16.00 -20.15 -14.09
C SER D 57 15.54 -19.05 -13.14
N LYS D 58 16.38 -18.03 -12.94
CA LYS D 58 16.04 -16.91 -12.07
C LYS D 58 14.91 -16.07 -12.68
N ALA D 59 14.98 -15.90 -14.00
CA ALA D 59 13.92 -15.22 -14.75
C ALA D 59 12.63 -16.02 -14.70
N MET D 60 12.73 -17.34 -14.84
CA MET D 60 11.54 -18.19 -14.73
C MET D 60 10.95 -18.11 -13.32
N SER D 61 11.81 -18.08 -12.30
CA SER D 61 11.35 -17.89 -10.94
C SER D 61 10.53 -16.60 -10.79
N ILE D 62 11.11 -15.49 -11.23
CA ILE D 62 10.37 -14.23 -11.25
C ILE D 62 8.98 -14.32 -11.95
N MET D 63 8.94 -14.97 -13.13
CA MET D 63 7.68 -15.12 -13.86
C MET D 63 6.70 -15.90 -13.02
N ASN D 64 7.21 -16.95 -12.38
CA ASN D 64 6.37 -17.75 -11.53
C ASN D 64 5.84 -16.94 -10.34
N SER D 65 6.67 -16.06 -9.81
CA SER D 65 6.20 -15.22 -8.74
C SER D 65 5.15 -14.22 -9.24
N PHE D 66 5.30 -13.76 -10.49
CA PHE D 66 4.30 -12.85 -11.09
C PHE D 66 2.93 -13.52 -11.26
N VAL D 67 2.91 -14.76 -11.75
CA VAL D 67 1.61 -15.41 -11.95
C VAL D 67 0.93 -15.63 -10.60
N THR D 68 1.70 -16.10 -9.61
CA THR D 68 1.16 -16.32 -8.27
C THR D 68 0.61 -15.04 -7.63
N ASP D 69 1.35 -13.95 -7.73
CA ASP D 69 0.87 -12.64 -7.29
C ASP D 69 -0.47 -12.24 -7.94
N ILE D 70 -0.47 -12.00 -9.25
CA ILE D 70 -1.69 -11.63 -9.99
C ILE D 70 -2.90 -12.57 -9.73
N PHE D 71 -2.67 -13.89 -9.73
CA PHE D 71 -3.72 -14.80 -9.32
C PHE D 71 -4.31 -14.35 -7.97
N GLU D 72 -3.45 -14.12 -6.98
CA GLU D 72 -3.95 -13.74 -5.67
C GLU D 72 -4.65 -12.39 -5.66
N ARG D 73 -4.12 -11.39 -6.37
CA ARG D 73 -4.80 -10.10 -6.41
C ARG D 73 -6.23 -10.23 -6.96
N ILE D 74 -6.36 -10.87 -8.12
CA ILE D 74 -7.67 -11.08 -8.77
C ILE D 74 -8.61 -11.91 -7.90
N ALA D 75 -8.12 -13.02 -7.36
CA ALA D 75 -8.97 -13.88 -6.54
C ALA D 75 -9.51 -13.17 -5.30
N SER D 76 -8.67 -12.39 -4.62
CA SER D 76 -9.11 -11.67 -3.43
C SER D 76 -10.17 -10.63 -3.72
N GLU D 77 -9.98 -9.87 -4.78
CA GLU D 77 -10.97 -8.85 -5.15
C GLU D 77 -12.27 -9.57 -5.51
N ALA D 78 -12.13 -10.73 -6.14
CA ALA D 78 -13.29 -11.49 -6.53
C ALA D 78 -14.02 -11.98 -5.31
N SER D 79 -13.24 -12.44 -4.33
CA SER D 79 -13.77 -12.93 -3.07
C SER D 79 -14.66 -11.89 -2.42
N ARG D 80 -14.15 -10.65 -2.38
CA ARG D 80 -14.87 -9.52 -1.79
C ARG D 80 -16.12 -9.09 -2.58
N LEU D 81 -16.01 -8.98 -3.92
CA LEU D 81 -17.22 -8.73 -4.74
C LEU D 81 -18.33 -9.76 -4.47
N ALA D 82 -17.95 -11.03 -4.35
CA ALA D 82 -18.92 -12.09 -4.11
C ALA D 82 -19.66 -11.83 -2.81
N HIS D 83 -18.94 -11.23 -1.87
CA HIS D 83 -19.48 -10.95 -0.55
C HIS D 83 -20.42 -9.75 -0.57
N TYR D 84 -20.03 -8.67 -1.23
CA TYR D 84 -20.85 -7.45 -1.27
C TYR D 84 -22.22 -7.70 -1.87
N SER D 85 -22.37 -8.79 -2.61
CA SER D 85 -23.63 -9.10 -3.27
C SER D 85 -24.40 -10.23 -2.59
N LYS D 86 -23.85 -10.69 -1.48
CA LYS D 86 -24.44 -11.77 -0.70
C LYS D 86 -24.55 -13.03 -1.54
N ARG D 87 -23.43 -13.39 -2.17
CA ARG D 87 -23.34 -14.58 -3.01
C ARG D 87 -22.33 -15.56 -2.42
N SER D 88 -22.56 -16.85 -2.58
CA SER D 88 -21.62 -17.84 -2.08
C SER D 88 -20.60 -18.19 -3.14
N THR D 89 -20.88 -17.81 -4.38
CA THR D 89 -20.12 -18.32 -5.52
C THR D 89 -19.35 -17.24 -6.25
N ILE D 90 -18.14 -17.59 -6.66
CA ILE D 90 -17.33 -16.75 -7.54
C ILE D 90 -17.58 -17.20 -8.99
N SER D 91 -18.27 -16.38 -9.75
CA SER D 91 -18.56 -16.69 -11.12
C SER D 91 -17.56 -16.04 -12.06
N SER D 92 -17.48 -16.47 -13.30
CA SER D 92 -16.53 -15.82 -14.17
C SER D 92 -16.85 -14.34 -14.18
N ARG D 93 -18.08 -13.97 -13.87
CA ARG D 93 -18.45 -12.54 -13.80
C ARG D 93 -17.64 -11.81 -12.71
N GLU D 94 -17.59 -12.38 -11.51
CA GLU D 94 -16.74 -11.81 -10.46
C GLU D 94 -15.27 -11.65 -10.91
N ILE D 95 -14.65 -12.70 -11.47
CA ILE D 95 -13.28 -12.61 -11.97
C ILE D 95 -13.15 -11.43 -12.91
N GLN D 96 -14.19 -11.20 -13.71
CA GLN D 96 -14.15 -10.13 -14.67
C GLN D 96 -14.20 -8.74 -14.07
N THR D 97 -15.07 -8.50 -13.11
CA THR D 97 -15.08 -7.20 -12.47
C THR D 97 -13.72 -6.97 -11.77
N ALA D 98 -13.21 -8.02 -11.12
CA ALA D 98 -11.92 -7.96 -10.45
C ALA D 98 -10.81 -7.60 -11.40
N VAL D 99 -10.93 -8.05 -12.63
CA VAL D 99 -9.93 -7.78 -13.63
C VAL D 99 -9.95 -6.31 -14.06
N ARG D 100 -11.15 -5.76 -14.19
CA ARG D 100 -11.31 -4.35 -14.58
C ARG D 100 -10.78 -3.42 -13.52
N LEU D 101 -10.90 -3.85 -12.27
CA LEU D 101 -10.51 -3.07 -11.09
C LEU D 101 -9.02 -3.10 -10.90
N LEU D 102 -8.40 -4.26 -11.18
CA LEU D 102 -6.97 -4.42 -10.91
C LEU D 102 -6.03 -3.96 -12.02
N LEU D 103 -6.49 -4.00 -13.27
CA LEU D 103 -5.58 -3.76 -14.39
C LEU D 103 -5.83 -2.41 -15.06
N PRO D 104 -4.73 -1.69 -15.37
CA PRO D 104 -4.73 -0.41 -16.07
C PRO D 104 -5.30 -0.53 -17.45
N GLY D 105 -5.98 0.47 -17.95
CA GLY D 105 -7.00 0.27 -18.92
C GLY D 105 -6.79 -0.48 -20.19
N GLU D 106 -5.72 -0.34 -20.90
CA GLU D 106 -5.62 -1.10 -22.15
C GLU D 106 -5.30 -2.55 -21.86
N LEU D 107 -4.50 -2.80 -20.83
CA LEU D 107 -4.18 -4.17 -20.44
C LEU D 107 -5.44 -4.88 -19.95
N ALA D 108 -6.37 -4.11 -19.38
CA ALA D 108 -7.64 -4.67 -18.92
C ALA D 108 -8.43 -5.20 -20.10
N LYS D 109 -8.71 -4.30 -21.06
CA LYS D 109 -9.52 -4.61 -22.22
C LYS D 109 -9.07 -5.85 -22.97
N HIS D 110 -7.78 -6.00 -23.22
CA HIS D 110 -7.37 -7.22 -23.89
C HIS D 110 -7.55 -8.45 -22.97
N ALA D 111 -7.27 -8.31 -21.67
CA ALA D 111 -7.49 -9.44 -20.76
C ALA D 111 -8.98 -9.82 -20.71
N VAL D 112 -9.86 -8.82 -20.58
CA VAL D 112 -11.31 -9.07 -20.55
C VAL D 112 -11.77 -9.83 -21.76
N SER D 113 -11.22 -9.45 -22.90
CA SER D 113 -11.56 -10.12 -24.15
C SER D 113 -11.09 -11.57 -24.10
N GLU D 114 -9.81 -11.81 -23.83
CA GLU D 114 -9.27 -13.18 -23.80
C GLU D 114 -10.08 -14.09 -22.85
N GLY D 115 -10.47 -13.52 -21.71
CA GLY D 115 -11.25 -14.25 -20.74
C GLY D 115 -12.64 -14.61 -21.24
N THR D 116 -13.35 -13.60 -21.77
CA THR D 116 -14.66 -13.80 -22.36
C THR D 116 -14.63 -14.86 -23.47
N LYS D 117 -13.59 -14.81 -24.29
CA LYS D 117 -13.42 -15.74 -25.38
C LYS D 117 -13.16 -17.16 -24.94
N ALA D 118 -12.33 -17.36 -23.92
CA ALA D 118 -11.98 -18.73 -23.51
C ALA D 118 -13.15 -19.40 -22.82
N VAL D 119 -14.04 -18.59 -22.26
CA VAL D 119 -15.15 -19.14 -21.50
C VAL D 119 -16.24 -19.64 -22.46
N THR D 120 -16.60 -18.83 -23.46
CA THR D 120 -17.59 -19.27 -24.44
C THR D 120 -17.05 -20.52 -25.20
N LYS D 121 -15.76 -20.50 -25.54
CA LYS D 121 -15.10 -21.63 -26.18
C LYS D 121 -15.24 -22.91 -25.36
N TYR D 122 -15.20 -22.75 -24.05
CA TYR D 122 -15.30 -23.84 -23.10
C TYR D 122 -16.73 -24.43 -23.00
N THR D 123 -17.71 -23.53 -22.92
CA THR D 123 -19.11 -23.90 -22.72
C THR D 123 -19.63 -24.66 -23.94
N SER D 124 -19.13 -24.28 -25.11
CA SER D 124 -19.57 -24.91 -26.36
C SER D 124 -19.04 -26.34 -26.54
N SER D 125 -18.70 -26.98 -25.42
CA SER D 125 -18.18 -28.34 -25.43
C SER D 125 -18.73 -29.24 -24.32
N LYS D 126 -18.24 -30.48 -24.33
CA LYS D 126 -18.28 -31.41 -23.20
C LYS D 126 -17.28 -32.53 -23.57
N LYS E 37 53.77 15.55 -19.08
CA LYS E 37 52.97 16.17 -18.02
C LYS E 37 51.66 15.40 -17.78
N PRO E 38 51.28 15.20 -16.49
CA PRO E 38 50.15 14.38 -16.02
C PRO E 38 48.78 14.81 -16.55
N HIS E 39 47.83 13.88 -16.50
CA HIS E 39 46.49 14.02 -17.09
C HIS E 39 45.42 13.72 -16.05
N ARG E 40 44.34 14.49 -16.06
CA ARG E 40 43.28 14.24 -15.10
C ARG E 40 41.95 14.81 -15.56
N TYR E 41 40.87 14.04 -15.36
CA TYR E 41 39.54 14.45 -15.80
C TYR E 41 39.00 15.51 -14.89
N ARG E 42 38.20 16.41 -15.46
CA ARG E 42 37.69 17.52 -14.68
C ARG E 42 36.65 16.99 -13.68
N PRO E 43 36.54 17.62 -12.50
CA PRO E 43 35.63 17.03 -11.52
C PRO E 43 34.20 17.00 -12.00
N GLY E 44 33.63 15.82 -11.92
CA GLY E 44 32.25 15.60 -12.33
C GLY E 44 32.16 14.58 -13.44
N THR E 45 33.28 14.38 -14.12
CA THR E 45 33.32 13.64 -15.37
C THR E 45 33.31 12.16 -15.05
N VAL E 46 34.12 11.77 -14.08
CA VAL E 46 34.14 10.38 -13.64
C VAL E 46 32.82 10.02 -12.94
N ALA E 47 32.25 10.97 -12.21
CA ALA E 47 30.97 10.75 -11.56
C ALA E 47 29.94 10.30 -12.60
N LEU E 48 29.88 11.03 -13.73
CA LEU E 48 28.95 10.73 -14.83
C LEU E 48 29.27 9.37 -15.46
N ARG E 49 30.55 9.02 -15.55
CA ARG E 49 30.86 7.70 -16.08
C ARG E 49 30.29 6.62 -15.17
N GLU E 50 30.44 6.85 -13.87
CA GLU E 50 30.02 5.84 -12.90
C GLU E 50 28.48 5.69 -12.93
N ILE E 51 27.76 6.80 -13.10
CA ILE E 51 26.32 6.71 -13.26
C ILE E 51 25.94 5.82 -14.45
N ARG E 52 26.52 6.10 -15.63
CA ARG E 52 26.24 5.28 -16.82
C ARG E 52 26.59 3.80 -16.56
N ARG E 53 27.68 3.59 -15.86
CA ARG E 53 28.11 2.23 -15.60
C ARG E 53 27.16 1.48 -14.68
N TYR E 54 26.84 2.06 -13.53
CA TYR E 54 26.04 1.31 -12.55
C TYR E 54 24.59 1.27 -12.99
N GLN E 55 24.18 2.14 -13.89
CA GLN E 55 22.83 2.05 -14.41
C GLN E 55 22.77 0.95 -15.51
N LYS E 56 23.91 0.51 -16.00
CA LYS E 56 23.92 -0.48 -17.06
C LYS E 56 23.93 -1.85 -16.45
N SER E 57 24.36 -1.96 -15.19
CA SER E 57 24.47 -3.29 -14.57
C SER E 57 23.43 -3.59 -13.50
N THR E 58 23.51 -4.81 -12.95
CA THR E 58 22.54 -5.32 -11.96
C THR E 58 23.17 -6.01 -10.73
N GLU E 59 24.49 -6.03 -10.70
CA GLU E 59 25.19 -6.70 -9.62
C GLU E 59 24.85 -6.01 -8.30
N LEU E 60 24.95 -6.74 -7.20
CA LEU E 60 24.82 -6.08 -5.90
C LEU E 60 26.02 -5.16 -5.68
N LEU E 61 25.81 -4.08 -4.94
CA LEU E 61 26.84 -3.04 -4.82
C LEU E 61 27.46 -2.95 -3.41
N ILE E 62 26.87 -3.65 -2.44
CA ILE E 62 27.41 -3.82 -1.12
C ILE E 62 28.10 -5.17 -1.05
N ARG E 63 29.25 -5.28 -0.38
CA ARG E 63 29.95 -6.55 -0.30
C ARG E 63 29.22 -7.63 0.51
N LYS E 64 29.25 -8.85 0.00
CA LYS E 64 28.38 -9.92 0.46
C LYS E 64 28.60 -10.21 1.97
N LEU E 65 29.84 -10.43 2.38
CA LEU E 65 30.10 -10.82 3.75
C LEU E 65 29.84 -9.70 4.78
N PRO E 66 30.31 -8.48 4.50
CA PRO E 66 29.91 -7.44 5.44
C PRO E 66 28.41 -7.33 5.62
N PHE E 67 27.62 -7.51 4.56
CA PHE E 67 26.17 -7.37 4.69
C PHE E 67 25.59 -8.49 5.53
N GLN E 68 26.13 -9.70 5.35
CA GLN E 68 25.65 -10.85 6.11
C GLN E 68 25.83 -10.64 7.63
N ARG E 69 26.98 -10.10 8.02
CA ARG E 69 27.26 -9.77 9.41
C ARG E 69 26.28 -8.81 9.99
N LEU E 70 25.98 -7.76 9.23
CA LEU E 70 25.02 -6.77 9.67
C LEU E 70 23.69 -7.43 9.97
N VAL E 71 23.32 -8.41 9.15
CA VAL E 71 22.02 -9.05 9.27
C VAL E 71 22.03 -9.85 10.55
N ARG E 72 23.04 -10.69 10.66
CA ARG E 72 23.18 -11.53 11.85
C ARG E 72 23.23 -10.70 13.14
N GLU E 73 23.97 -9.58 13.10
CA GLU E 73 23.96 -8.66 14.18
C GLU E 73 22.55 -8.15 14.49
N ILE E 74 21.82 -7.68 13.50
CA ILE E 74 20.52 -7.08 13.84
C ILE E 74 19.53 -8.12 14.32
N ALA E 75 19.52 -9.28 13.67
CA ALA E 75 18.58 -10.34 13.97
C ALA E 75 18.73 -10.74 15.40
N GLN E 76 20.00 -10.93 15.77
CA GLN E 76 20.36 -11.45 17.08
C GLN E 76 20.03 -10.48 18.22
N ASP E 77 20.06 -9.19 17.94
CA ASP E 77 19.66 -8.23 18.95
C ASP E 77 18.13 -8.25 19.07
N PHE E 78 17.49 -9.23 18.43
CA PHE E 78 16.03 -9.36 18.46
C PHE E 78 15.56 -10.73 18.86
N LYS E 79 16.32 -11.73 18.49
CA LYS E 79 16.15 -13.09 18.92
C LYS E 79 17.49 -13.80 18.77
N THR E 80 17.80 -14.59 19.78
CA THR E 80 19.08 -15.23 19.87
C THR E 80 18.97 -16.59 19.23
N ASP E 81 20.12 -17.15 18.89
CA ASP E 81 20.17 -18.52 18.42
C ASP E 81 19.34 -18.68 17.15
N LEU E 82 19.36 -17.68 16.27
CA LEU E 82 18.70 -17.77 14.94
C LEU E 82 19.65 -18.28 13.85
N ARG E 83 19.12 -18.98 12.87
CA ARG E 83 19.91 -19.36 11.71
C ARG E 83 19.28 -18.80 10.42
N PHE E 84 20.06 -18.73 9.35
CA PHE E 84 19.57 -18.14 8.10
C PHE E 84 19.87 -18.98 6.90
N GLN E 85 18.86 -19.23 6.07
CA GLN E 85 19.07 -19.73 4.71
C GLN E 85 19.92 -18.75 3.91
N SER E 86 20.80 -19.25 3.06
CA SER E 86 21.63 -18.36 2.25
C SER E 86 20.74 -17.46 1.42
N SER E 87 19.67 -18.00 0.85
CA SER E 87 18.80 -17.17 0.01
C SER E 87 18.10 -16.13 0.86
N ALA E 88 17.86 -16.41 2.14
CA ALA E 88 17.24 -15.40 3.00
C ALA E 88 18.16 -14.20 3.16
N VAL E 89 19.45 -14.43 3.27
CA VAL E 89 20.33 -13.27 3.33
C VAL E 89 20.38 -12.58 1.99
N MET E 90 20.36 -13.36 0.90
CA MET E 90 20.36 -12.76 -0.45
C MET E 90 19.07 -12.02 -0.73
N ALA E 91 17.94 -12.56 -0.29
CA ALA E 91 16.69 -11.82 -0.44
C ALA E 91 16.78 -10.49 0.29
N LEU E 92 17.22 -10.50 1.54
CA LEU E 92 17.35 -9.24 2.28
C LEU E 92 18.22 -8.22 1.53
N GLN E 93 19.38 -8.63 1.04
CA GLN E 93 20.27 -7.67 0.39
C GLN E 93 19.57 -7.07 -0.82
N GLU E 94 19.00 -7.92 -1.67
CA GLU E 94 18.28 -7.48 -2.85
C GLU E 94 17.28 -6.40 -2.49
N ALA E 95 16.43 -6.71 -1.53
CA ALA E 95 15.44 -5.76 -1.08
C ALA E 95 16.07 -4.42 -0.61
N CYS E 96 17.11 -4.50 0.22
CA CYS E 96 17.76 -3.32 0.82
C CYS E 96 18.40 -2.42 -0.22
N GLU E 97 19.05 -3.04 -1.21
CA GLU E 97 19.72 -2.26 -2.24
C GLU E 97 18.68 -1.63 -3.16
N ALA E 98 17.60 -2.36 -3.44
CA ALA E 98 16.56 -1.81 -4.31
C ALA E 98 15.90 -0.67 -3.61
N TYR E 99 15.75 -0.77 -2.30
CA TYR E 99 15.15 0.29 -1.51
C TYR E 99 16.08 1.52 -1.51
N LEU E 100 17.38 1.31 -1.28
CA LEU E 100 18.31 2.45 -1.18
C LEU E 100 18.50 3.16 -2.53
N VAL E 101 18.64 2.39 -3.62
CA VAL E 101 18.75 2.98 -4.97
C VAL E 101 17.50 3.77 -5.31
N GLY E 102 16.35 3.26 -4.92
CA GLY E 102 15.12 4.01 -5.04
C GLY E 102 15.05 5.27 -4.21
N LEU E 103 15.63 5.27 -3.02
CA LEU E 103 15.60 6.41 -2.11
C LEU E 103 16.49 7.54 -2.60
N PHE E 104 17.68 7.20 -3.07
CA PHE E 104 18.57 8.18 -3.72
C PHE E 104 17.99 8.86 -5.01
N GLU E 105 17.10 8.17 -5.75
CA GLU E 105 16.46 8.82 -6.89
C GLU E 105 15.60 9.97 -6.37
N ASP E 106 14.77 9.69 -5.36
CA ASP E 106 13.91 10.75 -4.86
C ASP E 106 14.75 11.86 -4.21
N THR E 107 15.83 11.46 -3.53
CA THR E 107 16.74 12.42 -2.90
C THR E 107 17.33 13.35 -3.92
N ASN E 108 17.79 12.77 -5.01
CA ASN E 108 18.44 13.51 -6.06
C ASN E 108 17.50 14.55 -6.70
N LEU E 109 16.22 14.20 -6.84
CA LEU E 109 15.23 15.16 -7.28
C LEU E 109 15.07 16.34 -6.31
N CYS E 110 15.07 16.05 -5.01
CA CYS E 110 14.98 17.09 -3.97
C CYS E 110 16.18 18.07 -4.01
N ALA E 111 17.40 17.56 -4.18
CA ALA E 111 18.56 18.42 -4.38
C ALA E 111 18.41 19.33 -5.59
N ILE E 112 18.00 18.75 -6.71
CA ILE E 112 17.82 19.52 -7.93
C ILE E 112 16.72 20.55 -7.76
N HIS E 113 15.76 20.26 -6.89
CA HIS E 113 14.66 21.19 -6.70
C HIS E 113 15.15 22.41 -5.98
N ALA E 114 16.19 22.21 -5.18
CA ALA E 114 16.81 23.28 -4.40
C ALA E 114 17.92 23.95 -5.17
N LYS E 115 17.91 23.76 -6.49
CA LYS E 115 18.94 24.30 -7.37
C LYS E 115 20.36 23.88 -6.88
N ARG E 116 20.52 22.61 -6.55
CA ARG E 116 21.83 22.06 -6.19
C ARG E 116 22.07 20.82 -7.02
N VAL E 117 23.30 20.32 -7.05
CA VAL E 117 23.50 19.03 -7.68
C VAL E 117 24.16 18.08 -6.68
N THR E 118 24.19 18.50 -5.42
CA THR E 118 24.80 17.73 -4.34
C THR E 118 23.77 17.25 -3.35
N ILE E 119 23.54 15.95 -3.26
CA ILE E 119 22.58 15.46 -2.27
C ILE E 119 23.05 15.66 -0.80
N MET E 120 22.12 16.07 0.06
CA MET E 120 22.40 16.39 1.47
C MET E 120 21.40 15.72 2.36
N PRO E 121 21.72 15.54 3.65
CA PRO E 121 20.79 14.76 4.47
C PRO E 121 19.39 15.38 4.52
N LYS E 122 19.34 16.70 4.45
CA LYS E 122 18.04 17.35 4.44
C LYS E 122 17.23 16.89 3.20
N ASP E 123 17.87 16.53 2.08
CA ASP E 123 17.14 16.01 0.91
C ASP E 123 16.49 14.64 1.22
N ILE E 124 17.26 13.71 1.79
CA ILE E 124 16.78 12.40 2.19
C ILE E 124 15.63 12.52 3.17
N GLN E 125 15.79 13.42 4.14
CA GLN E 125 14.73 13.68 5.11
C GLN E 125 13.45 14.17 4.42
N LEU E 126 13.57 15.04 3.41
CA LEU E 126 12.41 15.51 2.68
C LEU E 126 11.80 14.36 1.90
N ALA E 127 12.66 13.54 1.27
CA ALA E 127 12.17 12.40 0.50
C ALA E 127 11.40 11.42 1.36
N ARG E 128 11.89 11.16 2.57
CA ARG E 128 11.27 10.18 3.44
C ARG E 128 10.03 10.77 4.10
N ARG E 129 10.01 12.09 4.30
CA ARG E 129 8.88 12.75 4.95
C ARG E 129 7.66 12.82 4.04
N ILE E 130 7.89 12.95 2.76
CA ILE E 130 6.82 12.71 1.84
C ILE E 130 6.93 11.23 1.83
N ARG E 131 6.19 10.53 1.02
CA ARG E 131 6.56 9.14 0.92
C ARG E 131 6.13 8.39 2.14
N GLY E 132 5.74 9.09 3.18
CA GLY E 132 5.21 8.48 4.38
C GLY E 132 6.02 7.72 5.40
N GLU E 133 7.33 7.87 5.43
CA GLU E 133 8.15 7.13 6.35
C GLU E 133 8.46 7.95 7.60
N ARG E 134 8.32 9.27 7.47
CA ARG E 134 8.47 10.20 8.56
C ARG E 134 7.31 11.19 8.71
N ALA E 135 6.36 11.12 7.79
CA ALA E 135 5.27 12.09 7.65
C ALA E 135 4.99 13.11 8.77
N HIS F 18 31.35 -20.23 22.82
CA HIS F 18 31.59 -20.88 21.53
C HIS F 18 31.49 -19.88 20.41
N ARG F 19 30.81 -18.75 20.64
CA ARG F 19 30.53 -17.78 19.57
C ARG F 19 31.51 -16.59 19.47
N LYS F 20 31.49 -15.88 18.34
CA LYS F 20 32.24 -14.63 18.18
C LYS F 20 31.25 -13.47 18.36
N VAL F 21 31.69 -12.33 18.90
CA VAL F 21 30.76 -11.23 19.20
C VAL F 21 30.64 -10.28 18.01
N LEU F 22 29.38 -10.08 17.58
CA LEU F 22 29.02 -9.11 16.54
C LEU F 22 28.81 -7.69 17.08
N ARG F 23 29.41 -6.69 16.44
CA ARG F 23 29.14 -5.31 16.81
C ARG F 23 29.80 -4.36 15.81
N ASP F 24 29.19 -3.17 15.66
CA ASP F 24 29.57 -2.08 14.73
C ASP F 24 29.50 -2.46 13.23
N ASN F 25 28.66 -3.41 12.89
CA ASN F 25 28.72 -3.98 11.57
C ASN F 25 28.14 -3.06 10.49
N ILE F 26 27.33 -2.09 10.91
CA ILE F 26 26.78 -1.07 10.02
C ILE F 26 27.93 -0.34 9.30
N GLN F 27 29.13 -0.36 9.88
CA GLN F 27 30.27 0.35 9.28
C GLN F 27 30.85 -0.49 8.16
N GLY F 28 30.28 -1.69 7.97
CA GLY F 28 30.67 -2.58 6.89
C GLY F 28 30.03 -2.14 5.59
N ILE F 29 28.98 -1.36 5.72
CA ILE F 29 28.44 -0.59 4.62
C ILE F 29 29.40 0.57 4.40
N THR F 30 30.34 0.40 3.47
CA THR F 30 31.39 1.40 3.34
C THR F 30 30.92 2.60 2.52
N LYS F 31 31.75 3.61 2.51
CA LYS F 31 31.59 4.81 1.72
C LYS F 31 31.63 4.47 0.21
N PRO F 32 32.60 3.66 -0.25
CA PRO F 32 32.55 3.23 -1.65
C PRO F 32 31.22 2.63 -2.03
N ALA F 33 30.70 1.76 -1.18
CA ALA F 33 29.47 1.06 -1.48
C ALA F 33 28.28 2.02 -1.50
N ILE F 34 28.26 3.00 -0.60
CA ILE F 34 27.15 3.96 -0.53
C ILE F 34 27.20 4.87 -1.74
N ARG F 35 28.41 5.08 -2.24
CA ARG F 35 28.60 5.91 -3.41
C ARG F 35 28.09 5.20 -4.67
N ARG F 36 28.36 3.91 -4.81
CA ARG F 36 27.84 3.17 -5.93
C ARG F 36 26.30 3.21 -5.95
N LEU F 37 25.65 2.98 -4.81
CA LEU F 37 24.18 2.98 -4.77
C LEU F 37 23.65 4.38 -5.19
N ALA F 38 24.24 5.45 -4.67
CA ALA F 38 23.89 6.76 -5.15
C ALA F 38 24.01 6.87 -6.71
N ARG F 39 25.07 6.28 -7.28
CA ARG F 39 25.34 6.36 -8.72
C ARG F 39 24.30 5.59 -9.55
N ARG F 40 23.93 4.40 -9.12
CA ARG F 40 22.83 3.71 -9.77
C ARG F 40 21.55 4.55 -9.63
N GLY F 41 21.51 5.47 -8.68
CA GLY F 41 20.33 6.30 -8.50
C GLY F 41 20.51 7.59 -9.27
N GLY F 42 21.63 7.66 -9.99
CA GLY F 42 21.89 8.79 -10.85
C GLY F 42 22.39 10.02 -10.12
N VAL F 43 22.95 9.81 -8.93
CA VAL F 43 23.45 10.93 -8.11
C VAL F 43 24.88 11.30 -8.48
N LYS F 44 25.10 12.58 -8.75
CA LYS F 44 26.39 13.07 -9.25
C LYS F 44 27.37 13.59 -8.18
N ARG F 45 26.87 14.43 -7.27
CA ARG F 45 27.70 14.94 -6.18
C ARG F 45 27.10 14.57 -4.83
N ILE F 46 27.97 14.19 -3.89
CA ILE F 46 27.52 13.69 -2.59
C ILE F 46 28.16 14.42 -1.40
N SER F 47 27.35 15.21 -0.69
CA SER F 47 27.75 15.81 0.59
C SER F 47 28.35 14.81 1.60
N GLY F 48 29.35 15.24 2.36
CA GLY F 48 30.01 14.33 3.29
C GLY F 48 29.18 13.80 4.44
N LEU F 49 28.02 14.42 4.69
CA LEU F 49 27.09 13.96 5.73
C LEU F 49 26.18 12.82 5.25
N ILE F 50 26.23 12.56 3.94
CA ILE F 50 25.30 11.60 3.39
C ILE F 50 25.55 10.21 3.97
N TYR F 51 26.81 9.82 4.10
CA TYR F 51 27.13 8.43 4.38
C TYR F 51 26.57 7.94 5.72
N GLU F 52 26.68 8.75 6.78
CA GLU F 52 26.15 8.29 8.06
C GLU F 52 24.61 8.37 8.04
N GLU F 53 24.06 9.37 7.37
CA GLU F 53 22.62 9.42 7.21
C GLU F 53 22.11 8.15 6.54
N THR F 54 22.83 7.70 5.54
CA THR F 54 22.43 6.55 4.78
C THR F 54 22.45 5.29 5.65
N ARG F 55 23.44 5.20 6.53
CA ARG F 55 23.51 4.09 7.49
C ARG F 55 22.33 4.15 8.46
N GLY F 56 21.91 5.35 8.82
CA GLY F 56 20.76 5.45 9.68
C GLY F 56 19.54 4.85 9.04
N VAL F 57 19.27 5.27 7.80
CA VAL F 57 18.09 4.86 7.06
C VAL F 57 18.11 3.38 6.76
N LEU F 58 19.29 2.88 6.39
CA LEU F 58 19.45 1.46 6.12
C LEU F 58 19.16 0.57 7.33
N LYS F 59 19.63 0.96 8.50
CA LYS F 59 19.48 0.13 9.69
C LYS F 59 18.02 0.03 10.13
N VAL F 60 17.30 1.13 10.03
CA VAL F 60 15.87 1.10 10.30
C VAL F 60 15.20 0.23 9.25
N PHE F 61 15.64 0.33 8.00
CA PHE F 61 14.96 -0.42 6.98
C PHE F 61 15.11 -1.89 7.28
N LEU F 62 16.34 -2.33 7.58
CA LEU F 62 16.60 -3.73 7.94
C LEU F 62 15.93 -4.22 9.26
N GLU F 63 15.93 -3.41 10.31
CA GLU F 63 15.34 -3.87 11.55
C GLU F 63 13.89 -4.23 11.30
N ASN F 64 13.19 -3.31 10.63
CA ASN F 64 11.76 -3.45 10.37
C ASN F 64 11.48 -4.76 9.58
N VAL F 65 12.35 -5.11 8.64
CA VAL F 65 12.13 -6.29 7.83
C VAL F 65 12.54 -7.54 8.58
N ILE F 66 13.66 -7.49 9.29
CA ILE F 66 14.10 -8.66 10.04
C ILE F 66 13.13 -8.94 11.20
N ARG F 67 12.68 -7.90 11.90
CA ARG F 67 11.66 -8.10 12.95
C ARG F 67 10.44 -8.91 12.46
N ASP F 68 9.83 -8.52 11.34
CA ASP F 68 8.65 -9.21 10.81
C ASP F 68 9.00 -10.60 10.30
N ALA F 69 10.15 -10.70 9.63
CA ALA F 69 10.55 -12.01 9.14
C ALA F 69 10.66 -12.98 10.33
N VAL F 70 11.29 -12.53 11.40
CA VAL F 70 11.48 -13.42 12.52
C VAL F 70 10.15 -13.76 13.21
N THR F 71 9.22 -12.81 13.24
CA THR F 71 7.89 -13.16 13.70
C THR F 71 7.29 -14.31 12.87
N TYR F 72 7.48 -14.32 11.54
CA TYR F 72 7.05 -15.46 10.71
C TYR F 72 7.84 -16.72 11.10
N THR F 73 9.16 -16.61 11.25
CA THR F 73 9.93 -17.80 11.64
C THR F 73 9.36 -18.40 12.91
N GLU F 74 9.13 -17.59 13.95
CA GLU F 74 8.72 -18.19 15.20
C GLU F 74 7.33 -18.74 15.15
N HIS F 75 6.47 -18.14 14.34
CA HIS F 75 5.11 -18.63 14.31
C HIS F 75 5.10 -20.02 13.69
N ALA F 76 6.10 -20.29 12.89
CA ALA F 76 6.25 -21.58 12.23
C ALA F 76 7.00 -22.53 13.14
N LYS F 77 7.18 -22.12 14.39
CA LYS F 77 7.94 -22.90 15.37
C LYS F 77 9.29 -23.35 14.83
N ARG F 78 10.01 -22.45 14.14
CA ARG F 78 11.32 -22.79 13.58
C ARG F 78 12.46 -21.99 14.23
N LYS F 79 13.71 -22.39 13.92
CA LYS F 79 14.91 -21.70 14.39
C LYS F 79 15.72 -21.12 13.21
N THR F 80 15.14 -21.23 12.03
CA THR F 80 15.78 -20.81 10.79
C THR F 80 14.91 -19.89 9.94
N VAL F 81 15.38 -18.67 9.79
CA VAL F 81 14.73 -17.71 8.90
C VAL F 81 14.77 -18.21 7.44
N THR F 82 13.62 -18.42 6.82
CA THR F 82 13.67 -18.86 5.43
C THR F 82 13.54 -17.67 4.49
N ALA F 83 13.99 -17.86 3.26
CA ALA F 83 13.82 -16.86 2.22
C ALA F 83 12.34 -16.49 2.14
N MET F 84 11.46 -17.48 2.29
CA MET F 84 10.05 -17.19 2.30
C MET F 84 9.63 -16.28 3.45
N ASP F 85 10.28 -16.40 4.63
CA ASP F 85 9.95 -15.52 5.75
C ASP F 85 10.21 -14.07 5.42
N VAL F 86 11.36 -13.84 4.80
CA VAL F 86 11.71 -12.52 4.29
C VAL F 86 10.72 -12.03 3.20
N VAL F 87 10.30 -12.93 2.32
CA VAL F 87 9.39 -12.51 1.26
C VAL F 87 8.02 -12.08 1.84
N TYR F 88 7.45 -12.91 2.71
CA TYR F 88 6.19 -12.56 3.37
C TYR F 88 6.35 -11.26 4.15
N ALA F 89 7.51 -11.10 4.77
CA ALA F 89 7.81 -9.91 5.57
C ALA F 89 7.78 -8.67 4.70
N LEU F 90 8.55 -8.74 3.62
CA LEU F 90 8.65 -7.68 2.66
C LEU F 90 7.28 -7.40 2.07
N LYS F 91 6.45 -8.42 1.90
CA LYS F 91 5.17 -8.16 1.28
C LYS F 91 4.26 -7.31 2.16
N ARG F 92 4.15 -7.62 3.43
CA ARG F 92 3.21 -6.84 4.24
C ARG F 92 3.74 -5.44 4.54
N GLN F 93 5.03 -5.23 4.30
CA GLN F 93 5.65 -3.89 4.30
C GLN F 93 5.28 -3.10 3.04
N GLY F 94 4.76 -3.77 2.03
CA GLY F 94 4.41 -3.11 0.78
C GLY F 94 5.64 -2.94 -0.12
N ARG F 95 6.61 -3.84 0.04
CA ARG F 95 7.78 -3.92 -0.83
C ARG F 95 7.91 -5.36 -1.40
N THR F 96 6.88 -5.81 -2.14
CA THR F 96 6.86 -7.17 -2.77
C THR F 96 8.12 -7.51 -3.59
N LEU F 97 8.68 -8.69 -3.34
CA LEU F 97 9.92 -9.09 -4.01
C LEU F 97 9.74 -10.33 -4.88
N TYR F 98 10.11 -10.24 -6.15
CA TYR F 98 10.09 -11.39 -7.05
C TYR F 98 11.48 -11.97 -7.13
N GLY F 99 11.61 -13.30 -7.17
CA GLY F 99 12.88 -13.93 -7.46
C GLY F 99 13.37 -14.93 -6.47
N PHE F 100 12.62 -15.17 -5.39
CA PHE F 100 13.11 -16.05 -4.33
C PHE F 100 12.07 -17.05 -3.86
N GLY F 101 11.03 -17.24 -4.65
CA GLY F 101 9.96 -18.15 -4.31
C GLY F 101 8.70 -17.38 -3.91
N GLY F 102 8.68 -16.09 -4.22
CA GLY F 102 7.54 -15.24 -3.91
C GLY F 102 6.17 -15.70 -4.43
N THR G 16 -23.35 -16.33 28.50
CA THR G 16 -22.75 -16.02 27.21
C THR G 16 -21.22 -15.97 27.27
N ARG G 17 -20.58 -16.23 26.12
CA ARG G 17 -19.13 -16.28 26.04
C ARG G 17 -18.44 -14.94 26.35
N SER G 18 -19.09 -13.82 26.03
CA SER G 18 -18.49 -12.53 26.36
C SER G 18 -18.29 -12.38 27.86
N SER G 19 -19.38 -12.55 28.62
CA SER G 19 -19.32 -12.52 30.08
C SER G 19 -18.31 -13.53 30.63
N ARG G 20 -18.18 -14.68 29.96
CA ARG G 20 -17.22 -15.70 30.35
C ARG G 20 -15.78 -15.23 30.18
N ALA G 21 -15.59 -14.21 29.37
CA ALA G 21 -14.25 -13.73 29.06
C ALA G 21 -14.03 -12.36 29.67
N GLY G 22 -15.12 -11.77 30.13
CA GLY G 22 -15.08 -10.52 30.83
C GLY G 22 -15.18 -9.38 29.86
N LEU G 23 -15.82 -9.66 28.74
CA LEU G 23 -15.77 -8.74 27.64
C LEU G 23 -17.12 -8.14 27.34
N GLN G 24 -17.09 -6.87 26.94
CA GLN G 24 -18.24 -6.15 26.42
C GLN G 24 -18.50 -6.50 24.96
N PHE G 25 -17.42 -6.72 24.21
CA PHE G 25 -17.52 -7.02 22.78
C PHE G 25 -18.09 -8.40 22.59
N PRO G 26 -18.89 -8.59 21.51
CA PRO G 26 -19.69 -9.80 21.32
C PRO G 26 -18.91 -10.99 20.77
N VAL G 27 -18.40 -11.81 21.67
CA VAL G 27 -17.62 -12.99 21.33
C VAL G 27 -18.34 -13.89 20.33
N GLY G 28 -19.64 -14.10 20.52
CA GLY G 28 -20.39 -14.97 19.64
C GLY G 28 -20.41 -14.47 18.21
N ARG G 29 -20.61 -13.17 18.07
CA ARG G 29 -20.67 -12.54 16.76
C ARG G 29 -19.33 -12.54 16.08
N VAL G 30 -18.28 -12.37 16.87
CA VAL G 30 -16.96 -12.30 16.26
C VAL G 30 -16.65 -13.67 15.67
N HIS G 31 -17.15 -14.71 16.32
CA HIS G 31 -16.95 -16.06 15.80
C HIS G 31 -17.72 -16.28 14.48
N ARG G 32 -18.97 -15.84 14.45
CA ARG G 32 -19.79 -16.06 13.27
C ARG G 32 -19.20 -15.34 12.03
N LEU G 33 -18.69 -14.14 12.26
CA LEU G 33 -18.05 -13.33 11.22
C LEU G 33 -16.78 -13.97 10.72
N LEU G 34 -16.06 -14.64 11.63
CA LEU G 34 -14.87 -15.38 11.24
C LEU G 34 -15.23 -16.57 10.36
N ARG G 35 -16.23 -17.36 10.74
CA ARG G 35 -16.62 -18.50 9.91
C ARG G 35 -17.06 -18.04 8.51
N LYS G 36 -17.87 -16.98 8.47
CA LYS G 36 -18.57 -16.59 7.26
C LYS G 36 -17.78 -15.62 6.43
N GLY G 37 -16.49 -15.53 6.69
CA GLY G 37 -15.68 -14.54 5.99
C GLY G 37 -14.64 -15.24 5.17
N ASN G 38 -14.70 -16.58 5.14
CA ASN G 38 -13.75 -17.32 4.33
C ASN G 38 -12.34 -16.97 4.72
N TYR G 39 -11.98 -17.23 5.97
CA TYR G 39 -10.60 -17.00 6.38
C TYR G 39 -9.90 -18.32 6.48
N SER G 40 -10.68 -19.34 6.83
CA SER G 40 -10.18 -20.70 6.94
C SER G 40 -11.33 -21.68 7.08
N GLU G 41 -11.05 -22.98 6.97
CA GLU G 41 -12.11 -23.99 7.12
C GLU G 41 -12.73 -23.92 8.50
N ARG G 42 -11.92 -24.18 9.51
CA ARG G 42 -12.42 -24.17 10.88
C ARG G 42 -11.81 -23.06 11.75
N VAL G 43 -12.49 -22.72 12.84
CA VAL G 43 -12.06 -21.65 13.73
C VAL G 43 -11.97 -22.07 15.19
N GLY G 44 -10.81 -21.92 15.78
CA GLY G 44 -10.60 -22.30 17.18
C GLY G 44 -11.54 -21.61 18.17
N ALA G 45 -11.73 -22.23 19.32
CA ALA G 45 -12.69 -21.74 20.28
C ALA G 45 -12.21 -20.43 20.86
N GLY G 46 -10.89 -20.30 20.98
CA GLY G 46 -10.26 -19.16 21.62
C GLY G 46 -10.04 -17.94 20.76
N ALA G 47 -9.93 -18.16 19.46
CA ALA G 47 -9.65 -17.08 18.52
C ALA G 47 -10.74 -16.00 18.57
N PRO G 48 -12.04 -16.37 18.63
CA PRO G 48 -12.95 -15.23 18.69
C PRO G 48 -12.84 -14.47 19.99
N VAL G 49 -12.36 -15.12 21.03
CA VAL G 49 -12.24 -14.48 22.33
C VAL G 49 -11.05 -13.54 22.27
N TYR G 50 -9.97 -14.03 21.65
CA TYR G 50 -8.73 -13.29 21.70
C TYR G 50 -8.86 -12.08 20.82
N LEU G 51 -9.60 -12.24 19.73
CA LEU G 51 -9.80 -11.14 18.81
C LEU G 51 -10.76 -10.12 19.37
N ALA G 52 -11.83 -10.59 20.00
CA ALA G 52 -12.80 -9.67 20.56
C ALA G 52 -12.14 -8.80 21.61
N ALA G 53 -11.27 -9.42 22.41
CA ALA G 53 -10.47 -8.76 23.43
C ALA G 53 -9.66 -7.64 22.82
N VAL G 54 -9.03 -7.97 21.70
CA VAL G 54 -8.14 -7.05 21.01
C VAL G 54 -8.91 -5.86 20.44
N LEU G 55 -10.10 -6.11 19.93
CA LEU G 55 -10.89 -5.04 19.34
C LEU G 55 -11.35 -4.07 20.42
N GLU G 56 -11.74 -4.63 21.56
CA GLU G 56 -12.24 -3.84 22.67
C GLU G 56 -11.14 -2.97 23.29
N TYR G 57 -9.94 -3.53 23.39
CA TYR G 57 -8.84 -2.76 23.94
C TYR G 57 -8.56 -1.50 23.14
N LEU G 58 -8.45 -1.68 21.83
CA LEU G 58 -8.16 -0.61 20.91
C LEU G 58 -9.29 0.40 20.93
N THR G 59 -10.51 -0.13 21.00
CA THR G 59 -11.65 0.75 21.10
C THR G 59 -11.53 1.63 22.35
N ALA G 60 -11.24 1.04 23.50
CA ALA G 60 -11.08 1.83 24.73
C ALA G 60 -9.95 2.84 24.63
N GLU G 61 -8.81 2.40 24.10
CA GLU G 61 -7.69 3.30 23.93
C GLU G 61 -8.10 4.59 23.19
N ILE G 62 -8.85 4.45 22.11
CA ILE G 62 -9.22 5.63 21.33
C ILE G 62 -10.28 6.44 22.04
N LEU G 63 -11.30 5.78 22.59
CA LEU G 63 -12.35 6.51 23.30
C LEU G 63 -11.83 7.26 24.55
N GLU G 64 -10.84 6.72 25.25
CA GLU G 64 -10.27 7.40 26.39
C GLU G 64 -9.57 8.69 25.95
N LEU G 65 -8.75 8.58 24.90
CA LEU G 65 -8.01 9.73 24.41
C LEU G 65 -8.94 10.77 23.80
N ALA G 66 -9.97 10.30 23.10
CA ALA G 66 -10.98 11.17 22.48
C ALA G 66 -11.85 11.81 23.58
N GLY G 67 -12.19 11.04 24.60
CA GLY G 67 -12.86 11.59 25.77
C GLY G 67 -12.08 12.74 26.38
N ASN G 68 -10.76 12.64 26.40
CA ASN G 68 -9.92 13.72 26.91
C ASN G 68 -9.92 14.91 25.99
N ALA G 69 -10.00 14.66 24.70
CA ALA G 69 -10.03 15.74 23.72
C ALA G 69 -11.34 16.53 23.84
N ALA G 70 -12.43 15.81 24.11
CA ALA G 70 -13.73 16.42 24.29
C ALA G 70 -13.76 17.32 25.49
N ARG G 71 -13.15 16.84 26.57
CA ARG G 71 -13.23 17.53 27.83
C ARG G 71 -12.37 18.79 27.74
N ASP G 72 -11.30 18.70 26.98
CA ASP G 72 -10.36 19.80 26.81
C ASP G 72 -10.96 20.98 26.06
N ASN G 73 -12.03 20.76 25.32
CA ASN G 73 -12.63 21.86 24.59
C ASN G 73 -13.99 22.19 25.18
N LYS G 74 -14.16 21.84 26.46
CA LYS G 74 -15.41 22.11 27.19
C LYS G 74 -16.62 21.47 26.54
N LYS G 75 -16.41 20.32 25.91
CA LYS G 75 -17.52 19.57 25.36
C LYS G 75 -17.66 18.23 26.09
N THR G 76 -18.88 17.70 26.12
CA THR G 76 -19.14 16.40 26.76
C THR G 76 -19.54 15.31 25.76
N ARG G 77 -19.74 15.69 24.50
CA ARG G 77 -20.01 14.68 23.48
C ARG G 77 -18.85 14.64 22.49
N ILE G 78 -18.25 13.46 22.36
CA ILE G 78 -17.20 13.21 21.37
C ILE G 78 -17.71 13.34 19.92
N ILE G 79 -17.05 14.19 19.14
CA ILE G 79 -17.36 14.28 17.72
C ILE G 79 -16.11 13.90 16.91
N PRO G 80 -16.22 13.82 15.56
CA PRO G 80 -15.05 13.39 14.78
C PRO G 80 -13.77 14.21 14.97
N ARG G 81 -13.90 15.52 15.17
CA ARG G 81 -12.74 16.33 15.47
C ARG G 81 -12.01 15.75 16.68
N HIS G 82 -12.73 15.20 17.63
CA HIS G 82 -12.07 14.75 18.86
C HIS G 82 -11.35 13.45 18.59
N LEU G 83 -11.94 12.60 17.75
CA LEU G 83 -11.30 11.34 17.32
C LEU G 83 -10.05 11.67 16.50
N GLN G 84 -10.12 12.72 15.69
CA GLN G 84 -8.95 13.12 14.90
C GLN G 84 -7.85 13.68 15.78
N LEU G 85 -8.16 14.63 16.66
CA LEU G 85 -7.18 15.18 17.59
C LEU G 85 -6.52 14.06 18.37
N ALA G 86 -7.33 13.08 18.79
CA ALA G 86 -6.81 11.95 19.56
C ALA G 86 -5.83 11.09 18.75
N ILE G 87 -6.23 10.67 17.56
CA ILE G 87 -5.40 9.77 16.76
C ILE G 87 -4.07 10.39 16.28
N ARG G 88 -4.12 11.61 15.77
CA ARG G 88 -2.92 12.23 15.22
C ARG G 88 -1.94 12.70 16.30
N ASN G 89 -2.44 13.10 17.46
CA ASN G 89 -1.56 13.54 18.50
C ASN G 89 -0.90 12.35 19.22
N ASP G 90 -1.35 11.14 18.94
CA ASP G 90 -0.72 9.94 19.51
C ASP G 90 0.12 9.21 18.48
N GLU G 91 1.42 9.10 18.73
CA GLU G 91 2.36 8.63 17.73
C GLU G 91 2.01 7.24 17.22
N GLU G 92 1.52 6.39 18.13
CA GLU G 92 1.27 4.99 17.80
C GLU G 92 -0.04 4.74 17.06
N LEU G 93 -1.14 5.28 17.57
CA LEU G 93 -2.43 5.25 16.87
C LEU G 93 -2.29 5.88 15.47
N ASN G 94 -1.57 6.99 15.42
CA ASN G 94 -1.27 7.65 14.16
C ASN G 94 -0.68 6.71 13.14
N LYS G 95 0.26 5.89 13.59
CA LYS G 95 0.91 4.96 12.68
C LYS G 95 -0.07 3.85 12.29
N LEU G 96 -0.93 3.45 13.22
CA LEU G 96 -1.86 2.36 12.93
C LEU G 96 -2.86 2.80 11.87
N LEU G 97 -3.23 4.07 11.90
CA LEU G 97 -4.24 4.61 11.00
C LEU G 97 -3.64 5.67 10.09
N GLY G 98 -2.38 5.45 9.72
CA GLY G 98 -1.63 6.42 8.98
C GLY G 98 -2.10 6.60 7.56
N LYS G 99 -2.95 5.72 7.09
CA LYS G 99 -3.45 5.82 5.73
C LYS G 99 -4.95 5.75 5.74
N VAL G 100 -5.51 6.33 6.78
CA VAL G 100 -6.95 6.40 7.03
C VAL G 100 -7.40 7.85 7.17
N THR G 101 -8.52 8.17 6.54
CA THR G 101 -9.10 9.52 6.55
C THR G 101 -10.35 9.49 7.43
N ILE G 102 -10.46 10.48 8.33
CA ILE G 102 -11.59 10.55 9.25
C ILE G 102 -12.51 11.65 8.79
N ALA G 103 -13.67 11.28 8.28
CA ALA G 103 -14.58 12.29 7.75
C ALA G 103 -14.87 13.30 8.84
N GLN G 104 -14.81 14.58 8.49
CA GLN G 104 -15.16 15.66 9.42
C GLN G 104 -14.19 15.80 10.60
N GLY G 105 -12.98 15.26 10.45
CA GLY G 105 -11.96 15.36 11.47
C GLY G 105 -11.02 16.56 11.41
N GLY G 106 -10.87 17.20 10.27
CA GLY G 106 -9.96 18.32 10.15
C GLY G 106 -8.51 17.90 10.23
N VAL G 107 -7.64 18.87 10.52
CA VAL G 107 -6.21 18.61 10.68
C VAL G 107 -5.70 19.23 11.98
N LEU G 108 -4.51 18.82 12.43
CA LEU G 108 -3.87 19.43 13.60
C LEU G 108 -3.37 20.82 13.28
N PRO G 109 -3.56 21.78 14.21
CA PRO G 109 -2.93 23.09 14.02
C PRO G 109 -1.41 22.97 13.98
N ASN G 110 -0.82 23.37 12.85
CA ASN G 110 0.63 23.29 12.65
C ASN G 110 1.11 24.23 11.55
N ILE G 111 1.89 25.23 11.95
CA ILE G 111 2.46 26.21 11.01
C ILE G 111 3.98 26.20 11.00
N GLN G 112 4.56 25.85 9.84
CA GLN G 112 6.00 25.79 9.70
C GLN G 112 6.62 27.09 10.12
N ALA G 113 7.69 27.02 10.91
CA ALA G 113 8.28 28.19 11.55
C ALA G 113 8.61 29.33 10.61
N VAL G 114 9.23 29.01 9.46
CA VAL G 114 9.72 30.02 8.51
C VAL G 114 8.64 30.97 7.99
N LEU G 115 7.37 30.62 8.23
CA LEU G 115 6.24 31.41 7.75
C LEU G 115 5.75 32.43 8.77
N LEU G 116 6.29 32.40 10.00
CA LEU G 116 5.93 33.36 11.05
C LEU G 116 6.63 34.70 10.79
N PRO G 117 5.99 35.81 11.21
CA PRO G 117 6.59 37.13 10.95
C PRO G 117 7.86 37.33 11.75
N LYS G 118 8.72 38.26 11.33
CA LYS G 118 9.94 38.58 12.07
C LYS G 118 9.74 39.70 13.10
N LYS H 35 -30.41 -5.22 10.24
CA LYS H 35 -29.08 -5.27 9.64
C LYS H 35 -28.09 -4.50 10.54
N GLU H 36 -26.91 -5.07 10.82
CA GLU H 36 -26.31 -4.98 12.16
C GLU H 36 -24.98 -4.24 12.29
N SER H 37 -24.63 -3.85 13.53
CA SER H 37 -23.50 -2.94 13.82
C SER H 37 -22.75 -3.21 15.15
N TYR H 38 -21.54 -2.67 15.33
CA TYR H 38 -20.85 -2.81 16.63
C TYR H 38 -21.21 -1.70 17.61
N SER H 39 -22.19 -0.86 17.30
CA SER H 39 -22.50 0.30 18.12
C SER H 39 -22.66 0.04 19.60
N ILE H 40 -23.53 -0.89 20.00
CA ILE H 40 -23.90 -1.04 21.40
C ILE H 40 -22.71 -1.39 22.28
N TYR H 41 -21.70 -2.03 21.70
CA TYR H 41 -20.48 -2.38 22.43
C TYR H 41 -19.57 -1.20 22.59
N ILE H 42 -19.51 -0.38 21.54
CA ILE H 42 -18.72 0.84 21.60
C ILE H 42 -19.22 1.73 22.73
N TYR H 43 -20.53 1.97 22.76
CA TYR H 43 -21.15 2.76 23.82
C TYR H 43 -20.97 2.12 25.21
N LYS H 44 -21.07 0.80 25.30
CA LYS H 44 -20.78 0.13 26.57
C LYS H 44 -19.36 0.53 26.99
N VAL H 45 -18.40 0.30 26.10
CA VAL H 45 -16.99 0.61 26.41
C VAL H 45 -16.79 2.12 26.72
N LEU H 46 -17.53 2.97 26.02
CA LEU H 46 -17.45 4.40 26.25
C LEU H 46 -17.82 4.71 27.67
N LYS H 47 -18.88 4.05 28.14
CA LYS H 47 -19.40 4.31 29.46
C LYS H 47 -18.49 3.82 30.60
N GLN H 48 -17.70 2.76 30.39
CA GLN H 48 -16.79 2.37 31.47
C GLN H 48 -15.66 3.37 31.67
N VAL H 49 -15.32 4.05 30.57
CA VAL H 49 -14.08 4.77 30.42
C VAL H 49 -14.28 6.27 30.63
N HIS H 50 -15.38 6.78 30.12
CA HIS H 50 -15.85 8.15 30.36
C HIS H 50 -17.34 8.10 30.57
N PRO H 51 -17.75 7.85 31.81
CA PRO H 51 -19.14 7.53 32.13
C PRO H 51 -20.06 8.70 31.91
N ASP H 52 -19.51 9.89 31.80
CA ASP H 52 -20.37 11.03 31.63
C ASP H 52 -20.18 11.66 30.24
N THR H 53 -19.56 10.91 29.32
CA THR H 53 -19.30 11.46 27.98
C THR H 53 -20.20 10.78 26.95
N GLY H 54 -20.73 11.54 26.00
CA GLY H 54 -21.59 10.99 24.97
C GLY H 54 -20.85 10.92 23.65
N ILE H 55 -21.53 10.43 22.63
CA ILE H 55 -20.90 10.34 21.32
C ILE H 55 -21.88 10.64 20.17
N SER H 56 -21.48 11.53 19.28
CA SER H 56 -22.29 11.90 18.11
C SER H 56 -22.46 10.72 17.15
N SER H 57 -23.52 10.74 16.35
CA SER H 57 -23.77 9.57 15.51
C SER H 57 -22.67 9.46 14.48
N LYS H 58 -22.21 10.62 13.99
CA LYS H 58 -21.16 10.60 12.97
C LYS H 58 -19.89 10.03 13.59
N ALA H 59 -19.65 10.32 14.86
CA ALA H 59 -18.52 9.72 15.54
C ALA H 59 -18.69 8.22 15.71
N MET H 60 -19.90 7.79 16.02
CA MET H 60 -20.13 6.37 16.23
C MET H 60 -19.83 5.56 14.94
N SER H 61 -20.16 6.10 13.77
CA SER H 61 -19.82 5.47 12.50
C SER H 61 -18.32 5.20 12.36
N ILE H 62 -17.54 6.25 12.57
CA ILE H 62 -16.10 6.21 12.50
C ILE H 62 -15.57 5.10 13.36
N MET H 63 -16.07 5.01 14.58
CA MET H 63 -15.64 3.95 15.49
C MET H 63 -16.01 2.58 14.93
N ASN H 64 -17.21 2.49 14.38
CA ASN H 64 -17.66 1.24 13.79
C ASN H 64 -16.81 0.90 12.57
N SER H 65 -16.47 1.90 11.76
CA SER H 65 -15.63 1.64 10.60
C SER H 65 -14.23 1.25 11.05
N PHE H 66 -13.79 1.81 12.17
CA PHE H 66 -12.51 1.40 12.75
C PHE H 66 -12.49 -0.08 13.22
N VAL H 67 -13.53 -0.55 13.87
CA VAL H 67 -13.51 -1.92 14.36
C VAL H 67 -13.54 -2.90 13.21
N THR H 68 -14.38 -2.58 12.23
CA THR H 68 -14.50 -3.38 11.03
C THR H 68 -13.17 -3.49 10.30
N ASP H 69 -12.51 -2.34 10.15
CA ASP H 69 -11.19 -2.28 9.52
C ASP H 69 -10.25 -3.21 10.24
N ILE H 70 -9.88 -2.87 11.47
CA ILE H 70 -8.98 -3.71 12.27
C ILE H 70 -9.41 -5.17 12.30
N PHE H 71 -10.72 -5.42 12.47
CA PHE H 71 -11.19 -6.80 12.42
C PHE H 71 -10.67 -7.49 11.17
N GLU H 72 -10.88 -6.83 10.02
CA GLU H 72 -10.48 -7.40 8.73
C GLU H 72 -8.95 -7.50 8.57
N ARG H 73 -8.19 -6.52 9.06
CA ARG H 73 -6.74 -6.63 9.00
C ARG H 73 -6.22 -7.86 9.73
N ILE H 74 -6.58 -7.97 10.99
CA ILE H 74 -6.13 -9.09 11.81
C ILE H 74 -6.65 -10.41 11.24
N ALA H 75 -7.92 -10.48 10.88
CA ALA H 75 -8.46 -11.76 10.38
C ALA H 75 -7.70 -12.24 9.14
N SER H 76 -7.42 -11.30 8.22
CA SER H 76 -6.69 -11.59 6.98
C SER H 76 -5.25 -12.06 7.19
N GLU H 77 -4.52 -11.36 8.07
CA GLU H 77 -3.16 -11.79 8.35
C GLU H 77 -3.16 -13.14 9.02
N ALA H 78 -4.15 -13.38 9.87
CA ALA H 78 -4.26 -14.67 10.52
C ALA H 78 -4.59 -15.71 9.49
N SER H 79 -5.47 -15.36 8.56
CA SER H 79 -5.85 -16.23 7.46
C SER H 79 -4.63 -16.72 6.67
N ARG H 80 -3.74 -15.78 6.31
CA ARG H 80 -2.50 -16.12 5.61
C ARG H 80 -1.53 -16.93 6.46
N LEU H 81 -1.33 -16.50 7.70
CA LEU H 81 -0.51 -17.24 8.65
C LEU H 81 -0.90 -18.72 8.72
N ALA H 82 -2.20 -18.99 8.80
CA ALA H 82 -2.63 -20.38 8.87
C ALA H 82 -2.24 -21.11 7.61
N HIS H 83 -2.23 -20.42 6.47
CA HIS H 83 -1.94 -21.12 5.23
C HIS H 83 -0.45 -21.45 5.13
N TYR H 84 0.42 -20.47 5.44
CA TYR H 84 1.86 -20.66 5.38
C TYR H 84 2.32 -21.84 6.21
N SER H 85 1.51 -22.21 7.20
CA SER H 85 1.85 -23.32 8.10
C SER H 85 1.06 -24.58 7.75
N LYS H 86 0.31 -24.51 6.67
CA LYS H 86 -0.50 -25.63 6.18
C LYS H 86 -1.46 -26.16 7.24
N ARG H 87 -2.19 -25.24 7.85
CA ARG H 87 -3.16 -25.57 8.88
C ARG H 87 -4.54 -25.17 8.39
N SER H 88 -5.55 -25.91 8.82
CA SER H 88 -6.94 -25.64 8.43
C SER H 88 -7.62 -24.69 9.40
N THR H 89 -7.01 -24.49 10.57
CA THR H 89 -7.67 -23.76 11.65
C THR H 89 -6.99 -22.46 12.06
N ILE H 90 -7.81 -21.44 12.26
CA ILE H 90 -7.33 -20.20 12.83
C ILE H 90 -7.53 -20.21 14.37
N SER H 91 -6.42 -20.41 15.06
CA SER H 91 -6.43 -20.45 16.50
C SER H 91 -6.01 -19.13 17.09
N SER H 92 -6.19 -18.98 18.38
CA SER H 92 -5.81 -17.74 19.04
C SER H 92 -4.31 -17.50 18.81
N ARG H 93 -3.56 -18.55 18.50
CA ARG H 93 -2.15 -18.35 18.21
C ARG H 93 -1.97 -17.53 16.92
N GLU H 94 -2.64 -17.93 15.85
CA GLU H 94 -2.63 -17.15 14.62
C GLU H 94 -3.09 -15.70 14.85
N ILE H 95 -4.16 -15.49 15.61
CA ILE H 95 -4.61 -14.12 15.95
C ILE H 95 -3.55 -13.21 16.61
N GLN H 96 -2.82 -13.77 17.58
CA GLN H 96 -1.75 -13.05 18.26
C GLN H 96 -0.53 -12.75 17.41
N THR H 97 -0.04 -13.71 16.64
CA THR H 97 1.03 -13.41 15.72
C THR H 97 0.57 -12.31 14.76
N ALA H 98 -0.66 -12.44 14.25
CA ALA H 98 -1.22 -11.42 13.36
C ALA H 98 -1.22 -10.07 14.05
N VAL H 99 -1.47 -10.09 15.37
CA VAL H 99 -1.49 -8.84 16.12
C VAL H 99 -0.09 -8.27 16.30
N ARG H 100 0.88 -9.13 16.56
CA ARG H 100 2.24 -8.62 16.69
C ARG H 100 2.72 -8.01 15.39
N LEU H 101 2.22 -8.53 14.28
CA LEU H 101 2.60 -8.05 12.95
C LEU H 101 1.87 -6.75 12.56
N LEU H 102 0.62 -6.59 12.98
CA LEU H 102 -0.17 -5.41 12.62
C LEU H 102 -0.03 -4.20 13.55
N LEU H 103 0.29 -4.41 14.82
CA LEU H 103 0.21 -3.31 15.78
C LEU H 103 1.59 -2.79 16.19
N PRO H 104 1.72 -1.45 16.24
CA PRO H 104 2.96 -0.77 16.64
C PRO H 104 3.38 -1.13 18.05
N GLY H 105 4.65 -1.12 18.35
CA GLY H 105 5.21 -1.92 19.39
C GLY H 105 4.59 -1.82 20.75
N GLU H 106 4.19 -0.65 21.20
CA GLU H 106 3.56 -0.61 22.51
C GLU H 106 2.08 -1.02 22.50
N LEU H 107 1.36 -0.67 21.45
CA LEU H 107 -0.05 -1.06 21.31
C LEU H 107 -0.17 -2.57 21.13
N ALA H 108 0.85 -3.18 20.53
CA ALA H 108 0.87 -4.62 20.32
C ALA H 108 0.90 -5.37 21.64
N LYS H 109 1.86 -4.99 22.49
CA LYS H 109 2.07 -5.63 23.80
C LYS H 109 0.80 -5.67 24.64
N HIS H 110 0.12 -4.52 24.75
CA HIS H 110 -1.10 -4.42 25.56
C HIS H 110 -2.23 -5.23 24.96
N ALA H 111 -2.32 -5.21 23.63
CA ALA H 111 -3.33 -5.99 22.94
C ALA H 111 -3.11 -7.46 23.22
N VAL H 112 -1.85 -7.89 23.13
CA VAL H 112 -1.49 -9.29 23.42
C VAL H 112 -1.86 -9.70 24.86
N SER H 113 -1.68 -8.77 25.79
CA SER H 113 -2.04 -9.03 27.18
C SER H 113 -3.53 -9.27 27.33
N GLU H 114 -4.32 -8.28 26.92
CA GLU H 114 -5.77 -8.34 27.03
C GLU H 114 -6.31 -9.58 26.35
N GLY H 115 -5.71 -9.91 25.21
CA GLY H 115 -6.09 -11.06 24.42
C GLY H 115 -5.84 -12.37 25.14
N THR H 116 -4.63 -12.54 25.68
CA THR H 116 -4.30 -13.70 26.52
C THR H 116 -5.19 -13.78 27.78
N LYS H 117 -5.48 -12.61 28.35
CA LYS H 117 -6.25 -12.52 29.59
C LYS H 117 -7.70 -12.96 29.38
N ALA H 118 -8.30 -12.61 28.25
CA ALA H 118 -9.68 -13.00 28.02
C ALA H 118 -9.78 -14.50 27.71
N VAL H 119 -8.70 -15.08 27.21
CA VAL H 119 -8.72 -16.48 26.80
C VAL H 119 -8.60 -17.40 28.01
N THR H 120 -7.65 -17.13 28.90
CA THR H 120 -7.56 -17.97 30.10
C THR H 120 -8.80 -17.80 30.99
N LYS H 121 -9.27 -16.59 31.14
CA LYS H 121 -10.42 -16.36 31.97
C LYS H 121 -11.57 -17.14 31.39
N TYR H 122 -11.67 -17.16 30.10
CA TYR H 122 -12.71 -17.93 29.47
C TYR H 122 -12.57 -19.42 29.64
N THR H 123 -11.37 -19.97 29.48
CA THR H 123 -11.22 -21.41 29.62
C THR H 123 -11.53 -21.82 31.01
N SER H 124 -11.11 -21.01 31.95
CA SER H 124 -11.36 -21.37 33.32
C SER H 124 -12.75 -21.00 33.69
N SER H 125 -13.71 -21.49 32.93
CA SER H 125 -15.09 -21.44 33.38
C SER H 125 -15.83 -22.73 33.02
N LYS H 126 -17.04 -22.85 33.57
CA LYS H 126 -17.94 -23.94 33.25
C LYS H 126 -19.35 -23.63 33.77
MN MN K . 24.05 -7.97 19.88
MN MN L . -8.41 -21.57 19.43
MN MN M . 44.73 -0.29 3.85
MN MN N . 9.86 48.57 -4.34
MN MN O . 41.33 27.31 -3.87
CL CL P . -32.35 -6.65 25.09
CL CL Q . 19.04 -33.77 16.13
MN MN R . 31.86 -10.26 -22.62
MN MN S . 26.71 27.73 -7.53
MN MN T . 30.97 28.59 1.66
MN MN U . 2.25 -38.62 -20.21
MN MN V . -40.35 5.30 -17.85
MN MN W . 47.08 26.23 -11.89
MN MN X . -45.23 -9.42 16.16
CL CL Y . 41.58 -4.38 -23.92
CL CL Z . -6.52 -36.67 8.72
CL CL AA . -41.08 -15.91 13.70
#